data_2ZIS
#
_entry.id   2ZIS
#
_cell.length_a   171.826
_cell.length_b   171.826
_cell.length_c   69.063
_cell.angle_alpha   90.000
_cell.angle_beta   90.000
_cell.angle_gamma   120.000
#
_symmetry.space_group_name_H-M   'P 61'
#
loop_
_entity.id
_entity.type
_entity.pdbx_description
1 polymer 'Protein farnesyltransferase subunit alpha'
2 polymer 'Protein farnesyltransferase subunit beta'
3 non-polymer 'ACETIC ACID'
4 non-polymer 'ZINC ION'
5 non-polymer 'FARNESYL DIPHOSPHATE'
6 non-polymer 3-{2-[(S)-(4-cyanophenyl)(hydroxy)(1-methyl-1H-imidazol-5-yl)methyl]-5-nitro-1-benzofuran-7-yl}benzonitrile
7 non-polymer GLYCEROL
8 water water
#
loop_
_entity_poly.entity_id
_entity_poly.type
_entity_poly.pdbx_seq_one_letter_code
_entity_poly.pdbx_strand_id
1 'polypeptide(L)'
;MAATEGVGESAPGGEPGQPEQPPPPPPPPPAQQPQEEEMAAEAGEAAASPMDDGFLSLDSPTYVLYRDRAEWADIDPVPQ
NDGPSPVVQIIYSEKFRDVYDYFRAVLQRDERSERAFKLTRDAIELNAANYTVWHFRRVLLRSLQKDLQEEMNYITAIIE
EQPKNYQVWHHRRVLVEWLKDPSQELEFIADILNQDAKNYHAWQHRQWVIQEFRLWDNELQYVDQLLKEDVRNNSVWNQR
HFVISNTTGYSDRAVLEREVQYTLEMIKLVPHNESAWNYLKGILQDRGLSRYPNLLNQLLDLQPSHSSPYLIAFLVDIYE
DMLENQCDNKEDILNKALELCEILAKEKDTIRKEYWRYIGRSLQSKHSRESDIPASV
;
A
2 'polypeptide(L)'
;GSHMASSSSFTYYCPPSSSPVWSEPLYSLRPEHARERLQDDSVETVTSIEQAKVEEKIQEVFSSYKFNHLVPRLVLQREK
HFHYLKRGLRQLTDAYECLDASRPWLCYWILHSLELLDEPIPQIVATDVCQFLELCQSPDGGFGGGPGQYPHLAPTYAAV
NALCIIGTEEAYNVINREKLLQYLYSLKQPDGSFLMHVGGEVDVRSAYCAASVASLTNIITPDLFEGTAEWIARCQNWEG
GIGGVPGMEAHGGYTFCGLAALVILKKERSLNLKSLLQWVTSRQMRFEGGFQGRCNKLVDGCYSFWQAGLLPLLHRALHA
QGDPALSMSHWMFHQQALQEYILMCCQCPAGGLLDKPGKSRDFYHTCYCLSGLSIAQHFGSGAMLHDVVMGVPENVLQPT
HPVYNIGPDKVIQATTHFLQKPVPGFEECEDAVTSDPATD
;
B
#
# COMPACT_ATOMS: atom_id res chain seq x y z
N PHE A 55 13.14 22.89 25.18
CA PHE A 55 12.75 23.96 26.15
C PHE A 55 11.74 24.95 25.56
N LEU A 56 12.15 25.72 24.54
CA LEU A 56 11.23 26.67 23.92
C LEU A 56 10.38 26.01 22.82
N SER A 57 9.13 25.71 23.13
CA SER A 57 8.22 25.08 22.18
C SER A 57 8.22 25.76 20.83
N LEU A 58 8.12 24.96 19.78
CA LEU A 58 8.12 25.44 18.41
C LEU A 58 6.91 26.30 18.06
N ASP A 59 5.81 26.12 18.79
CA ASP A 59 4.61 26.90 18.52
C ASP A 59 4.28 27.88 19.65
N SER A 60 5.29 28.18 20.46
CA SER A 60 5.15 29.12 21.57
C SER A 60 5.12 30.56 21.04
N PRO A 61 4.38 31.45 21.71
CA PRO A 61 4.33 32.83 21.22
C PRO A 61 5.69 33.54 21.26
N THR A 62 6.55 33.16 22.20
CA THR A 62 7.86 33.78 22.31
C THR A 62 9.00 32.98 21.66
N TYR A 63 8.64 32.10 20.73
CA TYR A 63 9.62 31.28 20.02
C TYR A 63 10.49 32.24 19.23
N VAL A 64 11.79 31.92 19.17
CA VAL A 64 12.74 32.76 18.47
C VAL A 64 13.50 31.93 17.42
N LEU A 65 13.67 32.45 16.21
CA LEU A 65 14.40 31.74 15.16
C LEU A 65 15.80 31.47 15.68
N TYR A 66 16.43 30.41 15.20
CA TYR A 66 17.77 30.06 15.68
C TYR A 66 18.86 31.06 15.33
N ARG A 67 18.70 31.81 14.24
CA ARG A 67 19.71 32.79 13.89
C ARG A 67 19.65 33.97 14.85
N ASP A 68 18.59 34.04 15.66
CA ASP A 68 18.47 35.14 16.62
C ASP A 68 18.72 34.68 18.06
N ARG A 69 19.36 33.53 18.21
CA ARG A 69 19.65 33.00 19.54
C ARG A 69 21.13 33.09 19.90
N ALA A 70 21.40 33.79 21.00
CA ALA A 70 22.75 34.00 21.50
C ALA A 70 23.58 32.73 21.59
N GLU A 71 23.01 31.69 22.19
CA GLU A 71 23.72 30.44 22.35
C GLU A 71 23.95 29.66 21.05
N TRP A 72 23.69 30.32 19.92
CA TRP A 72 23.89 29.69 18.60
C TRP A 72 24.65 30.63 17.67
N ALA A 73 25.19 31.72 18.22
CA ALA A 73 25.93 32.70 17.43
C ALA A 73 27.25 32.16 16.87
N ASP A 74 27.87 31.24 17.60
CA ASP A 74 29.14 30.66 17.18
C ASP A 74 29.01 29.79 15.93
N ILE A 75 27.89 29.10 15.81
CA ILE A 75 27.65 28.23 14.66
C ILE A 75 27.04 28.98 13.49
N ASP A 76 27.55 28.73 12.30
CA ASP A 76 27.01 29.35 11.10
C ASP A 76 26.13 28.28 10.45
N PRO A 77 24.87 28.61 10.18
CA PRO A 77 23.98 27.63 9.56
C PRO A 77 24.48 27.22 8.18
N VAL A 78 24.13 26.01 7.77
CA VAL A 78 24.52 25.47 6.47
C VAL A 78 23.27 25.30 5.62
N PRO A 79 23.03 26.23 4.70
CA PRO A 79 21.85 26.14 3.83
C PRO A 79 21.88 24.94 2.91
N GLN A 80 20.70 24.48 2.52
CA GLN A 80 20.54 23.33 1.65
C GLN A 80 20.92 23.65 0.21
N ASN A 81 21.78 22.81 -0.36
CA ASN A 81 22.24 23.00 -1.74
C ASN A 81 21.39 22.21 -2.73
N ASP A 82 20.42 22.88 -3.36
CA ASP A 82 19.57 22.25 -4.35
C ASP A 82 20.15 22.37 -5.76
N GLY A 83 21.38 22.85 -5.85
CA GLY A 83 22.02 23.03 -7.14
C GLY A 83 21.63 24.35 -7.79
N PRO A 84 22.19 24.67 -8.96
CA PRO A 84 21.85 25.94 -9.62
C PRO A 84 20.43 26.01 -10.21
N SER A 85 19.92 24.89 -10.72
CA SER A 85 18.57 24.86 -11.30
C SER A 85 17.67 23.90 -10.53
N PRO A 86 17.17 24.33 -9.37
CA PRO A 86 16.29 23.52 -8.53
C PRO A 86 15.13 22.79 -9.22
N VAL A 87 14.83 21.63 -8.67
CA VAL A 87 13.75 20.76 -9.12
C VAL A 87 12.94 20.45 -7.85
N VAL A 88 11.62 20.33 -7.98
CA VAL A 88 10.74 20.07 -6.84
C VAL A 88 11.23 20.81 -5.59
N GLN A 89 11.52 22.10 -5.79
CA GLN A 89 12.01 22.98 -4.74
C GLN A 89 10.88 23.48 -3.88
N ILE A 90 10.96 23.19 -2.60
CA ILE A 90 9.93 23.58 -1.65
C ILE A 90 10.25 24.96 -1.06
N ILE A 91 9.31 25.88 -1.15
CA ILE A 91 9.51 27.22 -0.60
C ILE A 91 9.19 27.12 0.88
N TYR A 92 10.17 26.69 1.65
CA TYR A 92 10.00 26.52 3.09
C TYR A 92 9.68 27.83 3.78
N SER A 93 9.04 27.72 4.94
CA SER A 93 8.70 28.89 5.73
C SER A 93 9.98 29.32 6.42
N GLU A 94 9.93 30.45 7.12
CA GLU A 94 11.08 30.96 7.85
C GLU A 94 11.53 29.97 8.93
N LYS A 95 10.58 29.57 9.78
CA LYS A 95 10.86 28.64 10.87
C LYS A 95 11.48 27.36 10.37
N PHE A 96 10.93 26.83 9.29
CA PHE A 96 11.41 25.58 8.75
C PHE A 96 12.87 25.64 8.29
N ARG A 97 13.19 26.46 7.29
CA ARG A 97 14.57 26.51 6.82
C ARG A 97 15.54 27.01 7.88
N ASP A 98 15.06 27.77 8.84
CA ASP A 98 15.94 28.25 9.90
C ASP A 98 16.38 27.04 10.72
N VAL A 99 15.39 26.23 11.11
CA VAL A 99 15.66 25.02 11.90
C VAL A 99 16.54 24.01 11.17
N TYR A 100 16.26 23.77 9.89
CA TYR A 100 17.06 22.81 9.16
C TYR A 100 18.43 23.29 8.73
N ASP A 101 18.56 24.61 8.51
CA ASP A 101 19.85 25.20 8.15
C ASP A 101 20.80 24.96 9.32
N TYR A 102 20.27 25.07 10.54
CA TYR A 102 21.08 24.83 11.72
C TYR A 102 21.23 23.32 11.99
N PHE A 103 20.23 22.52 11.61
CA PHE A 103 20.36 21.06 11.81
C PHE A 103 21.51 20.59 10.93
N ARG A 104 21.56 21.07 9.70
CA ARG A 104 22.61 20.69 8.76
C ARG A 104 23.97 21.06 9.32
N ALA A 105 24.04 22.21 9.97
CA ALA A 105 25.30 22.65 10.55
C ALA A 105 25.73 21.64 11.60
N VAL A 106 24.84 21.36 12.55
CA VAL A 106 25.15 20.42 13.61
C VAL A 106 25.44 19.00 13.10
N LEU A 107 24.79 18.60 12.00
CA LEU A 107 24.99 17.27 11.44
C LEU A 107 26.37 17.15 10.82
N GLN A 108 26.75 18.16 10.02
CA GLN A 108 28.06 18.17 9.37
C GLN A 108 29.20 18.14 10.38
N ARG A 109 29.16 19.05 11.35
CA ARG A 109 30.19 19.12 12.38
C ARG A 109 30.10 17.87 13.26
N ASP A 110 28.97 17.17 13.16
CA ASP A 110 28.73 15.97 13.96
C ASP A 110 28.84 16.34 15.44
N GLU A 111 28.25 17.48 15.77
CA GLU A 111 28.25 17.97 17.14
C GLU A 111 27.24 17.21 17.99
N ARG A 112 27.75 16.46 18.95
CA ARG A 112 26.88 15.67 19.81
C ARG A 112 26.66 16.38 21.12
N SER A 113 25.95 17.50 21.03
CA SER A 113 25.66 18.34 22.18
C SER A 113 24.20 18.34 22.59
N GLU A 114 23.95 18.81 23.81
CA GLU A 114 22.60 18.89 24.35
C GLU A 114 21.74 19.86 23.55
N ARG A 115 22.34 20.93 23.03
CA ARG A 115 21.57 21.88 22.25
C ARG A 115 21.22 21.25 20.92
N ALA A 116 22.08 20.36 20.44
CA ALA A 116 21.85 19.66 19.18
C ALA A 116 20.65 18.73 19.42
N PHE A 117 20.66 18.06 20.57
CA PHE A 117 19.59 17.15 20.94
C PHE A 117 18.27 17.90 20.94
N LYS A 118 18.26 19.07 21.58
CA LYS A 118 17.04 19.87 21.63
C LYS A 118 16.60 20.34 20.25
N LEU A 119 17.57 20.60 19.38
CA LEU A 119 17.29 21.04 18.02
C LEU A 119 16.61 19.96 17.20
N THR A 120 17.02 18.71 17.38
CA THR A 120 16.40 17.62 16.61
C THR A 120 14.92 17.53 16.87
N ARG A 121 14.50 17.85 18.09
CA ARG A 121 13.09 17.81 18.44
C ARG A 121 12.31 18.76 17.55
N ASP A 122 12.85 19.95 17.35
CA ASP A 122 12.21 20.96 16.51
C ASP A 122 12.21 20.51 15.07
N ALA A 123 13.29 19.87 14.66
CA ALA A 123 13.41 19.39 13.29
C ALA A 123 12.37 18.30 13.08
N ILE A 124 12.20 17.46 14.10
CA ILE A 124 11.24 16.38 14.03
C ILE A 124 9.82 16.91 13.99
N GLU A 125 9.51 17.92 14.79
CA GLU A 125 8.18 18.49 14.81
C GLU A 125 7.81 19.12 13.48
N LEU A 126 8.78 19.68 12.78
CA LEU A 126 8.51 20.29 11.48
C LEU A 126 8.33 19.24 10.40
N ASN A 127 8.99 18.10 10.57
CA ASN A 127 8.86 17.00 9.61
C ASN A 127 9.21 15.67 10.26
N ALA A 128 8.24 15.09 10.95
CA ALA A 128 8.41 13.83 11.65
C ALA A 128 8.85 12.69 10.74
N ALA A 129 8.81 12.91 9.43
CA ALA A 129 9.17 11.89 8.45
C ALA A 129 10.63 11.96 8.00
N ASN A 130 11.39 12.89 8.57
CA ASN A 130 12.79 12.99 8.19
C ASN A 130 13.59 11.94 8.97
N TYR A 131 13.78 10.78 8.37
CA TYR A 131 14.51 9.70 9.00
C TYR A 131 15.96 10.06 9.34
N THR A 132 16.57 10.95 8.56
CA THR A 132 17.95 11.34 8.87
C THR A 132 18.01 12.02 10.23
N VAL A 133 17.04 12.88 10.52
CA VAL A 133 17.04 13.57 11.81
C VAL A 133 16.80 12.57 12.94
N TRP A 134 15.89 11.62 12.72
CA TRP A 134 15.62 10.61 13.75
C TRP A 134 16.88 9.77 14.01
N HIS A 135 17.65 9.52 12.96
CA HIS A 135 18.87 8.74 13.13
C HIS A 135 19.87 9.49 13.99
N PHE A 136 20.07 10.78 13.71
CA PHE A 136 20.99 11.61 14.48
C PHE A 136 20.51 11.69 15.93
N ARG A 137 19.20 11.80 16.13
CA ARG A 137 18.67 11.86 17.49
C ARG A 137 19.02 10.60 18.28
N ARG A 138 18.95 9.44 17.64
CA ARG A 138 19.28 8.21 18.34
C ARG A 138 20.76 8.18 18.64
N VAL A 139 21.57 8.84 17.81
CA VAL A 139 23.00 8.90 18.05
C VAL A 139 23.22 9.72 19.31
N LEU A 140 22.51 10.86 19.41
CA LEU A 140 22.66 11.72 20.57
C LEU A 140 22.13 11.03 21.83
N LEU A 141 21.00 10.34 21.70
CA LEU A 141 20.44 9.64 22.85
C LEU A 141 21.50 8.77 23.54
N ARG A 142 22.23 7.99 22.75
CA ARG A 142 23.27 7.13 23.30
C ARG A 142 24.52 7.89 23.70
N SER A 143 25.03 8.71 22.79
CA SER A 143 26.23 9.51 23.04
C SER A 143 26.12 10.41 24.28
N LEU A 144 25.00 11.11 24.43
CA LEU A 144 24.79 12.00 25.56
C LEU A 144 24.28 11.27 26.78
N GLN A 145 24.00 9.98 26.62
CA GLN A 145 23.48 9.18 27.72
C GLN A 145 22.21 9.83 28.26
N LYS A 146 21.19 9.98 27.41
CA LYS A 146 19.94 10.59 27.82
C LYS A 146 19.05 9.56 28.50
N ASP A 147 18.25 10.02 29.45
CA ASP A 147 17.32 9.15 30.17
C ASP A 147 16.29 8.65 29.15
N LEU A 148 16.29 7.35 28.91
CA LEU A 148 15.39 6.75 27.92
C LEU A 148 13.91 6.73 28.30
N GLN A 149 13.59 6.77 29.58
CA GLN A 149 12.17 6.80 29.97
C GLN A 149 11.66 8.18 29.65
N GLU A 150 12.53 9.17 29.79
CA GLU A 150 12.18 10.54 29.47
C GLU A 150 11.87 10.54 27.96
N GLU A 151 12.71 9.83 27.21
CA GLU A 151 12.52 9.74 25.76
C GLU A 151 11.25 8.94 25.44
N MET A 152 10.91 7.97 26.30
CA MET A 152 9.68 7.21 26.11
C MET A 152 8.49 8.14 26.25
N ASN A 153 8.55 9.05 27.23
CA ASN A 153 7.47 10.01 27.45
C ASN A 153 7.31 10.86 26.20
N TYR A 154 8.44 11.32 25.67
CA TYR A 154 8.46 12.16 24.49
C TYR A 154 7.82 11.49 23.27
N ILE A 155 8.26 10.27 22.95
CA ILE A 155 7.72 9.57 21.79
C ILE A 155 6.25 9.20 21.97
N THR A 156 5.84 8.98 23.22
CA THR A 156 4.45 8.66 23.50
C THR A 156 3.62 9.84 23.00
N ALA A 157 4.08 11.04 23.34
CA ALA A 157 3.42 12.29 22.99
C ALA A 157 3.36 12.53 21.49
N ILE A 158 4.48 12.30 20.78
CA ILE A 158 4.54 12.51 19.33
C ILE A 158 3.65 11.54 18.56
N ILE A 159 3.59 10.29 19.01
CA ILE A 159 2.76 9.29 18.35
C ILE A 159 1.30 9.67 18.55
N GLU A 160 0.95 10.14 19.75
CA GLU A 160 -0.43 10.56 19.98
C GLU A 160 -0.79 11.60 18.92
N GLU A 161 0.12 12.54 18.68
CA GLU A 161 -0.07 13.61 17.71
C GLU A 161 -0.05 13.16 16.26
N GLN A 162 0.89 12.28 15.92
CA GLN A 162 1.03 11.77 14.55
C GLN A 162 1.15 10.26 14.54
N PRO A 163 0.05 9.55 14.81
CA PRO A 163 0.10 8.09 14.83
C PRO A 163 0.31 7.41 13.47
N LYS A 164 0.00 8.10 12.38
CA LYS A 164 0.16 7.52 11.05
C LYS A 164 1.50 7.91 10.43
N ASN A 165 2.58 7.60 11.13
CA ASN A 165 3.93 7.92 10.71
C ASN A 165 4.83 6.72 11.02
N TYR A 166 5.64 6.31 10.05
CA TYR A 166 6.53 5.17 10.26
C TYR A 166 7.63 5.44 11.28
N GLN A 167 8.32 6.57 11.14
CA GLN A 167 9.43 6.89 12.03
C GLN A 167 9.16 6.91 13.52
N VAL A 168 8.01 7.45 13.93
CA VAL A 168 7.70 7.55 15.36
C VAL A 168 7.53 6.18 16.00
N TRP A 169 6.98 5.23 15.26
CA TRP A 169 6.78 3.90 15.79
C TRP A 169 8.10 3.13 15.83
N HIS A 170 8.92 3.31 14.81
CA HIS A 170 10.21 2.63 14.78
C HIS A 170 11.08 3.09 15.92
N HIS A 171 11.03 4.39 16.18
CA HIS A 171 11.80 4.98 17.27
C HIS A 171 11.36 4.36 18.60
N ARG A 172 10.06 4.19 18.78
CA ARG A 172 9.55 3.61 20.01
C ARG A 172 10.04 2.18 20.18
N ARG A 173 10.08 1.45 19.05
CA ARG A 173 10.54 0.06 19.03
C ARG A 173 11.99 0.01 19.48
N VAL A 174 12.80 0.92 18.93
CA VAL A 174 14.20 0.98 19.28
C VAL A 174 14.36 1.23 20.78
N LEU A 175 13.53 2.11 21.33
CA LEU A 175 13.60 2.40 22.77
C LEU A 175 13.23 1.18 23.58
N VAL A 176 12.10 0.54 23.25
CA VAL A 176 11.65 -0.65 23.96
C VAL A 176 12.73 -1.71 23.88
N GLU A 177 13.37 -1.82 22.71
CA GLU A 177 14.44 -2.79 22.54
C GLU A 177 15.63 -2.46 23.45
N TRP A 178 16.00 -1.17 23.48
CA TRP A 178 17.11 -0.73 24.32
C TRP A 178 16.89 -1.02 25.81
N LEU A 179 15.74 -0.57 26.33
CA LEU A 179 15.41 -0.75 27.73
C LEU A 179 14.96 -2.16 28.09
N LYS A 180 14.72 -2.98 27.07
CA LYS A 180 14.25 -4.34 27.31
C LYS A 180 13.05 -4.26 28.25
N ASP A 181 12.18 -3.29 28.00
CA ASP A 181 11.02 -3.07 28.84
C ASP A 181 9.71 -2.83 28.08
N PRO A 182 8.81 -3.83 28.05
CA PRO A 182 7.53 -3.70 27.34
C PRO A 182 6.37 -3.30 28.26
N SER A 183 6.70 -3.00 29.51
CA SER A 183 5.73 -2.63 30.54
C SER A 183 4.53 -1.83 30.09
N GLN A 184 4.78 -0.69 29.45
CA GLN A 184 3.70 0.20 29.03
C GLN A 184 3.20 0.06 27.60
N GLU A 185 3.73 -0.90 26.85
CA GLU A 185 3.33 -1.07 25.44
C GLU A 185 1.89 -1.42 25.15
N LEU A 186 1.41 -2.54 25.69
CA LEU A 186 0.04 -2.97 25.44
C LEU A 186 -0.98 -1.88 25.79
N GLU A 187 -0.72 -1.15 26.86
CA GLU A 187 -1.61 -0.08 27.31
C GLU A 187 -1.51 1.16 26.42
N PHE A 188 -0.28 1.52 26.03
CA PHE A 188 -0.11 2.68 25.17
C PHE A 188 -0.80 2.43 23.84
N ILE A 189 -0.57 1.26 23.27
CA ILE A 189 -1.17 0.90 22.00
C ILE A 189 -2.69 0.90 22.08
N ALA A 190 -3.23 0.43 23.20
CA ALA A 190 -4.68 0.38 23.37
C ALA A 190 -5.25 1.80 23.34
N ASP A 191 -4.50 2.77 23.85
CA ASP A 191 -4.99 4.13 23.81
C ASP A 191 -4.97 4.67 22.38
N ILE A 192 -3.93 4.33 21.61
CA ILE A 192 -3.88 4.79 20.22
C ILE A 192 -5.02 4.12 19.47
N LEU A 193 -5.14 2.79 19.62
CA LEU A 193 -6.19 2.04 18.96
C LEU A 193 -7.58 2.51 19.38
N ASN A 194 -7.66 3.18 20.52
CA ASN A 194 -8.94 3.67 20.99
C ASN A 194 -9.36 4.90 20.17
N GLN A 195 -8.40 5.55 19.54
CA GLN A 195 -8.67 6.73 18.71
C GLN A 195 -8.85 6.33 17.24
N ASP A 196 -8.14 5.28 16.82
CA ASP A 196 -8.21 4.73 15.46
C ASP A 196 -8.02 3.23 15.62
N ALA A 197 -9.14 2.50 15.65
CA ALA A 197 -9.13 1.06 15.85
C ALA A 197 -8.43 0.28 14.75
N LYS A 198 -8.14 0.92 13.64
CA LYS A 198 -7.50 0.21 12.55
C LYS A 198 -6.11 0.71 12.16
N ASN A 199 -5.47 1.49 13.03
CA ASN A 199 -4.13 2.00 12.73
C ASN A 199 -3.12 0.88 12.48
N TYR A 200 -2.71 0.75 11.21
CA TYR A 200 -1.77 -0.29 10.82
C TYR A 200 -0.50 -0.33 11.67
N HIS A 201 0.12 0.82 11.85
CA HIS A 201 1.35 0.91 12.63
C HIS A 201 1.13 0.40 14.06
N ALA A 202 0.00 0.78 14.65
CA ALA A 202 -0.32 0.35 16.02
C ALA A 202 -0.46 -1.17 16.11
N TRP A 203 -1.18 -1.78 15.19
CA TRP A 203 -1.35 -3.23 15.22
C TRP A 203 -0.01 -3.95 14.99
N GLN A 204 0.83 -3.40 14.11
CA GLN A 204 2.12 -4.02 13.84
C GLN A 204 3.01 -3.93 15.08
N HIS A 205 2.93 -2.81 15.78
CA HIS A 205 3.74 -2.64 16.97
C HIS A 205 3.26 -3.61 18.05
N ARG A 206 1.95 -3.77 18.14
CA ARG A 206 1.35 -4.66 19.12
C ARG A 206 1.80 -6.10 18.86
N GLN A 207 1.75 -6.53 17.61
CA GLN A 207 2.16 -7.89 17.30
C GLN A 207 3.63 -8.09 17.62
N TRP A 208 4.45 -7.09 17.35
CA TRP A 208 5.87 -7.19 17.63
C TRP A 208 6.12 -7.38 19.12
N VAL A 209 5.54 -6.49 19.93
CA VAL A 209 5.70 -6.53 21.38
C VAL A 209 5.25 -7.86 21.98
N ILE A 210 4.16 -8.40 21.46
CA ILE A 210 3.60 -9.65 21.97
C ILE A 210 4.49 -10.84 21.61
N GLN A 211 4.98 -10.85 20.38
CA GLN A 211 5.84 -11.93 19.92
C GLN A 211 7.18 -11.93 20.64
N GLU A 212 7.85 -10.77 20.67
CA GLU A 212 9.17 -10.63 21.30
C GLU A 212 9.22 -10.84 22.81
N PHE A 213 8.19 -10.40 23.52
CA PHE A 213 8.17 -10.53 24.98
C PHE A 213 7.18 -11.55 25.50
N ARG A 214 6.58 -12.31 24.59
CA ARG A 214 5.62 -13.35 24.97
C ARG A 214 4.55 -12.88 25.94
N LEU A 215 3.70 -11.95 25.49
CA LEU A 215 2.60 -11.43 26.30
C LEU A 215 1.29 -11.81 25.62
N TRP A 216 1.03 -13.10 25.49
CA TRP A 216 -0.17 -13.58 24.82
C TRP A 216 -1.41 -13.73 25.71
N ASP A 217 -1.18 -14.11 26.97
CA ASP A 217 -2.25 -14.37 27.91
C ASP A 217 -3.54 -13.57 27.87
N ASN A 218 -3.47 -12.27 27.67
CA ASN A 218 -4.68 -11.47 27.67
C ASN A 218 -5.13 -10.91 26.32
N GLU A 219 -4.39 -11.18 25.26
CA GLU A 219 -4.74 -10.63 23.96
C GLU A 219 -6.04 -11.12 23.32
N LEU A 220 -6.38 -12.39 23.48
CA LEU A 220 -7.62 -12.89 22.88
C LEU A 220 -8.81 -12.18 23.49
N GLN A 221 -8.67 -11.76 24.75
CA GLN A 221 -9.74 -11.07 25.45
C GLN A 221 -9.88 -9.67 24.86
N TYR A 222 -8.74 -9.02 24.63
CA TYR A 222 -8.72 -7.69 24.04
C TYR A 222 -9.39 -7.74 22.67
N VAL A 223 -9.12 -8.81 21.92
CA VAL A 223 -9.72 -9.00 20.61
C VAL A 223 -11.23 -9.06 20.74
N ASP A 224 -11.71 -9.80 21.73
CA ASP A 224 -13.15 -9.93 21.94
C ASP A 224 -13.78 -8.59 22.31
N GLN A 225 -13.05 -7.78 23.07
CA GLN A 225 -13.54 -6.47 23.48
C GLN A 225 -13.75 -5.60 22.24
N LEU A 226 -12.73 -5.52 21.39
CA LEU A 226 -12.83 -4.70 20.19
C LEU A 226 -13.80 -5.27 19.17
N LEU A 227 -13.91 -6.61 19.10
CA LEU A 227 -14.85 -7.21 18.16
C LEU A 227 -16.27 -6.86 18.59
N LYS A 228 -16.45 -6.70 19.90
CA LYS A 228 -17.76 -6.34 20.41
C LYS A 228 -18.00 -4.88 20.03
N GLU A 229 -16.96 -4.06 20.15
CA GLU A 229 -17.08 -2.64 19.80
C GLU A 229 -17.42 -2.50 18.30
N ASP A 230 -16.67 -3.17 17.44
CA ASP A 230 -16.93 -3.13 16.00
C ASP A 230 -16.58 -4.48 15.36
N VAL A 231 -17.58 -5.33 15.23
CA VAL A 231 -17.39 -6.66 14.67
C VAL A 231 -16.94 -6.63 13.21
N ARG A 232 -16.89 -5.44 12.62
CA ARG A 232 -16.46 -5.30 11.22
C ARG A 232 -14.99 -4.91 11.11
N ASN A 233 -14.33 -4.70 12.26
CA ASN A 233 -12.93 -4.32 12.28
C ASN A 233 -12.05 -5.46 11.77
N ASN A 234 -11.62 -5.38 10.53
CA ASN A 234 -10.81 -6.43 9.93
C ASN A 234 -9.48 -6.59 10.67
N SER A 235 -9.00 -5.52 11.29
CA SER A 235 -7.74 -5.58 12.01
C SER A 235 -7.85 -6.49 13.22
N VAL A 236 -9.02 -6.48 13.85
CA VAL A 236 -9.24 -7.31 15.03
C VAL A 236 -9.36 -8.78 14.64
N TRP A 237 -10.02 -9.05 13.52
CA TRP A 237 -10.15 -10.43 13.05
C TRP A 237 -8.76 -10.96 12.73
N ASN A 238 -7.93 -10.09 12.18
CA ASN A 238 -6.57 -10.49 11.86
C ASN A 238 -5.85 -10.77 13.18
N GLN A 239 -6.06 -9.90 14.17
CA GLN A 239 -5.40 -10.09 15.46
C GLN A 239 -5.87 -11.38 16.12
N ARG A 240 -7.16 -11.70 15.91
CA ARG A 240 -7.72 -12.93 16.47
C ARG A 240 -6.96 -14.14 15.91
N HIS A 241 -6.77 -14.15 14.59
CA HIS A 241 -6.06 -15.23 13.93
C HIS A 241 -4.59 -15.25 14.37
N PHE A 242 -4.06 -14.07 14.66
CA PHE A 242 -2.67 -13.94 15.09
C PHE A 242 -2.48 -14.58 16.47
N VAL A 243 -3.40 -14.29 17.39
CA VAL A 243 -3.30 -14.85 18.74
C VAL A 243 -3.49 -16.36 18.80
N ILE A 244 -4.54 -16.84 18.15
CA ILE A 244 -4.84 -18.25 18.16
C ILE A 244 -3.76 -19.11 17.50
N SER A 245 -3.33 -18.75 16.29
CA SER A 245 -2.32 -19.56 15.62
C SER A 245 -0.94 -19.57 16.30
N ASN A 246 -0.70 -18.65 17.21
CA ASN A 246 0.60 -18.61 17.90
C ASN A 246 0.50 -19.10 19.34
N THR A 247 -0.71 -19.49 19.74
CA THR A 247 -0.93 -20.02 21.09
C THR A 247 -1.39 -21.49 20.99
N THR A 248 -2.68 -21.71 20.76
CA THR A 248 -3.20 -23.06 20.65
C THR A 248 -3.06 -23.63 19.24
N GLY A 249 -3.52 -22.86 18.27
CA GLY A 249 -3.47 -23.31 16.88
C GLY A 249 -4.87 -23.69 16.47
N TYR A 250 -5.07 -23.96 15.18
CA TYR A 250 -6.39 -24.34 14.70
C TYR A 250 -6.49 -25.84 14.45
N SER A 251 -5.56 -26.61 15.03
CA SER A 251 -5.57 -28.06 14.88
C SER A 251 -6.34 -28.73 16.00
N ASP A 252 -6.38 -28.09 17.17
CA ASP A 252 -7.13 -28.62 18.29
C ASP A 252 -8.60 -28.48 17.91
N ARG A 253 -9.24 -29.61 17.57
CA ARG A 253 -10.65 -29.62 17.17
C ARG A 253 -11.58 -28.81 18.07
N ALA A 254 -11.28 -28.76 19.37
CA ALA A 254 -12.12 -27.98 20.26
C ALA A 254 -12.04 -26.49 19.88
N VAL A 255 -10.85 -26.03 19.49
CA VAL A 255 -10.66 -24.65 19.10
C VAL A 255 -11.29 -24.35 17.74
N LEU A 256 -11.12 -25.24 16.77
CA LEU A 256 -11.70 -25.04 15.44
C LEU A 256 -13.22 -25.01 15.58
N GLU A 257 -13.73 -25.84 16.48
CA GLU A 257 -15.16 -25.94 16.77
C GLU A 257 -15.64 -24.59 17.27
N ARG A 258 -15.06 -24.17 18.39
CA ARG A 258 -15.37 -22.91 19.03
C ARG A 258 -15.33 -21.75 18.05
N GLU A 259 -14.27 -21.69 17.27
CA GLU A 259 -14.07 -20.61 16.30
C GLU A 259 -15.10 -20.55 15.18
N VAL A 260 -15.42 -21.69 14.59
CA VAL A 260 -16.39 -21.70 13.50
C VAL A 260 -17.79 -21.38 14.03
N GLN A 261 -18.10 -21.83 15.24
CA GLN A 261 -19.40 -21.56 15.84
C GLN A 261 -19.54 -20.05 16.08
N TYR A 262 -18.50 -19.44 16.65
CA TYR A 262 -18.52 -18.01 16.92
C TYR A 262 -18.66 -17.21 15.63
N THR A 263 -17.90 -17.59 14.62
CA THR A 263 -17.94 -16.90 13.33
C THR A 263 -19.34 -17.01 12.69
N LEU A 264 -19.86 -18.24 12.63
CA LEU A 264 -21.19 -18.45 12.07
C LEU A 264 -22.20 -17.63 12.86
N GLU A 265 -21.97 -17.52 14.16
CA GLU A 265 -22.86 -16.76 15.02
C GLU A 265 -22.81 -15.27 14.66
N MET A 266 -21.61 -14.74 14.43
CA MET A 266 -21.46 -13.33 14.07
C MET A 266 -22.04 -13.10 12.69
N ILE A 267 -21.96 -14.09 11.82
CA ILE A 267 -22.51 -13.98 10.48
C ILE A 267 -24.04 -13.87 10.55
N LYS A 268 -24.67 -14.65 11.43
CA LYS A 268 -26.13 -14.59 11.57
C LYS A 268 -26.52 -13.17 11.98
N LEU A 269 -25.76 -12.61 12.91
CA LEU A 269 -26.02 -11.26 13.39
C LEU A 269 -25.78 -10.19 12.32
N VAL A 270 -24.68 -10.30 11.58
CA VAL A 270 -24.37 -9.31 10.53
C VAL A 270 -24.00 -10.04 9.24
N PRO A 271 -25.01 -10.60 8.55
CA PRO A 271 -24.88 -11.34 7.29
C PRO A 271 -24.03 -10.70 6.21
N HIS A 272 -23.97 -9.37 6.18
CA HIS A 272 -23.21 -8.68 5.14
C HIS A 272 -21.81 -8.18 5.53
N ASN A 273 -21.32 -8.62 6.70
CA ASN A 273 -19.99 -8.24 7.15
C ASN A 273 -19.00 -9.22 6.53
N GLU A 274 -18.27 -8.76 5.54
CA GLU A 274 -17.29 -9.59 4.84
C GLU A 274 -16.17 -10.15 5.71
N SER A 275 -15.89 -9.49 6.83
CA SER A 275 -14.81 -9.95 7.71
C SER A 275 -15.06 -11.32 8.35
N ALA A 276 -16.26 -11.54 8.85
CA ALA A 276 -16.59 -12.83 9.47
C ALA A 276 -16.45 -13.93 8.44
N TRP A 277 -16.92 -13.67 7.22
CA TRP A 277 -16.84 -14.65 6.15
C TRP A 277 -15.40 -14.98 5.78
N ASN A 278 -14.58 -13.96 5.57
CA ASN A 278 -13.19 -14.17 5.22
C ASN A 278 -12.48 -14.96 6.29
N TYR A 279 -12.87 -14.76 7.54
CA TYR A 279 -12.26 -15.48 8.65
C TYR A 279 -12.66 -16.97 8.60
N LEU A 280 -13.94 -17.23 8.36
CA LEU A 280 -14.42 -18.62 8.29
C LEU A 280 -13.69 -19.36 7.18
N LYS A 281 -13.58 -18.70 6.03
CA LYS A 281 -12.89 -19.27 4.88
C LYS A 281 -11.42 -19.51 5.20
N GLY A 282 -10.77 -18.50 5.80
CA GLY A 282 -9.36 -18.61 6.13
C GLY A 282 -8.94 -19.69 7.11
N ILE A 283 -9.80 -20.04 8.06
CA ILE A 283 -9.45 -21.06 9.03
C ILE A 283 -9.84 -22.47 8.58
N LEU A 284 -10.65 -22.56 7.52
CA LEU A 284 -11.09 -23.86 6.99
C LEU A 284 -10.47 -24.24 5.64
N GLN A 285 -10.15 -23.24 4.82
CA GLN A 285 -9.56 -23.50 3.49
C GLN A 285 -8.23 -24.27 3.61
N ASP A 286 -7.60 -24.16 4.77
CA ASP A 286 -6.34 -24.84 5.07
C ASP A 286 -6.44 -26.32 4.75
N ARG A 287 -7.23 -27.03 5.57
CA ARG A 287 -7.44 -28.47 5.43
C ARG A 287 -8.43 -28.86 4.35
N GLY A 288 -9.03 -27.86 3.69
CA GLY A 288 -9.98 -28.14 2.63
C GLY A 288 -11.42 -28.05 3.12
N LEU A 289 -12.22 -27.23 2.45
CA LEU A 289 -13.62 -27.04 2.82
C LEU A 289 -14.46 -28.32 2.72
N SER A 290 -14.11 -29.23 1.81
CA SER A 290 -14.87 -30.46 1.64
C SER A 290 -14.61 -31.46 2.75
N ARG A 291 -13.65 -31.15 3.62
CA ARG A 291 -13.31 -32.02 4.74
C ARG A 291 -14.40 -31.91 5.79
N TYR A 292 -15.18 -30.85 5.69
CA TYR A 292 -16.27 -30.60 6.64
C TYR A 292 -17.61 -30.67 5.90
N PRO A 293 -18.19 -31.88 5.82
CA PRO A 293 -19.46 -32.11 5.14
C PRO A 293 -20.70 -31.36 5.64
N ASN A 294 -20.79 -31.12 6.94
CA ASN A 294 -21.96 -30.42 7.48
C ASN A 294 -22.08 -28.95 7.15
N LEU A 295 -20.94 -28.29 6.93
CA LEU A 295 -20.93 -26.89 6.61
C LEU A 295 -21.78 -26.55 5.40
N LEU A 296 -21.55 -27.26 4.29
CA LEU A 296 -22.28 -27.03 3.05
C LEU A 296 -23.77 -26.77 3.25
N ASN A 297 -24.52 -27.76 3.71
CA ASN A 297 -25.96 -27.57 3.90
C ASN A 297 -26.28 -26.60 5.04
N GLN A 298 -25.47 -26.60 6.10
CA GLN A 298 -25.73 -25.67 7.20
C GLN A 298 -25.77 -24.24 6.67
N LEU A 299 -24.93 -23.95 5.68
CA LEU A 299 -24.90 -22.62 5.10
C LEU A 299 -26.13 -22.44 4.23
N LEU A 300 -26.53 -23.52 3.58
CA LEU A 300 -27.71 -23.50 2.72
C LEU A 300 -28.96 -23.24 3.54
N ASP A 301 -28.90 -23.51 4.83
CA ASP A 301 -30.04 -23.30 5.71
C ASP A 301 -30.40 -21.83 5.89
N LEU A 302 -29.40 -20.96 6.00
CA LEU A 302 -29.69 -19.55 6.16
C LEU A 302 -29.65 -18.76 4.86
N GLN A 303 -29.75 -19.46 3.72
CA GLN A 303 -29.72 -18.80 2.42
C GLN A 303 -31.04 -18.11 2.06
N PRO A 304 -32.17 -18.60 2.59
CA PRO A 304 -33.41 -17.91 2.21
C PRO A 304 -33.63 -16.65 3.05
N SER A 305 -32.94 -16.56 4.19
CA SER A 305 -33.07 -15.43 5.09
C SER A 305 -31.81 -14.57 5.30
N HIS A 306 -30.71 -15.22 5.71
CA HIS A 306 -29.46 -14.51 5.95
C HIS A 306 -28.56 -14.47 4.71
N SER A 307 -29.19 -14.49 3.52
CA SER A 307 -28.45 -14.49 2.26
C SER A 307 -27.67 -13.21 1.98
N SER A 308 -26.62 -13.36 1.16
CA SER A 308 -25.77 -12.25 0.76
C SER A 308 -24.84 -12.82 -0.31
N PRO A 309 -24.27 -11.95 -1.16
CA PRO A 309 -23.38 -12.51 -2.19
C PRO A 309 -22.17 -13.20 -1.57
N TYR A 310 -21.99 -13.01 -0.27
CA TYR A 310 -20.88 -13.60 0.47
C TYR A 310 -21.14 -15.09 0.76
N LEU A 311 -22.41 -15.42 0.98
CA LEU A 311 -22.80 -16.81 1.25
C LEU A 311 -22.77 -17.60 -0.06
N ILE A 312 -23.22 -16.97 -1.14
CA ILE A 312 -23.25 -17.60 -2.45
C ILE A 312 -21.84 -17.99 -2.88
N ALA A 313 -20.90 -17.08 -2.69
CA ALA A 313 -19.51 -17.30 -3.05
C ALA A 313 -18.82 -18.41 -2.25
N PHE A 314 -19.16 -18.52 -0.96
CA PHE A 314 -18.58 -19.54 -0.11
C PHE A 314 -19.08 -20.90 -0.62
N LEU A 315 -20.34 -20.93 -1.04
CA LEU A 315 -20.91 -22.16 -1.57
C LEU A 315 -20.11 -22.61 -2.77
N VAL A 316 -19.73 -21.65 -3.62
CA VAL A 316 -18.93 -21.97 -4.80
C VAL A 316 -17.56 -22.46 -4.38
N ASP A 317 -17.04 -21.91 -3.28
CA ASP A 317 -15.73 -22.31 -2.76
C ASP A 317 -15.80 -23.74 -2.22
N ILE A 318 -16.93 -24.11 -1.63
CA ILE A 318 -17.11 -25.46 -1.09
C ILE A 318 -17.25 -26.48 -2.24
N TYR A 319 -17.94 -26.09 -3.31
CA TYR A 319 -18.13 -26.97 -4.46
C TYR A 319 -16.82 -27.23 -5.22
N GLU A 320 -16.02 -26.19 -5.46
CA GLU A 320 -14.78 -26.41 -6.18
C GLU A 320 -13.78 -27.26 -5.40
N ASP A 321 -13.89 -27.27 -4.08
CA ASP A 321 -12.98 -28.10 -3.28
C ASP A 321 -13.51 -29.53 -3.41
N MET A 322 -14.83 -29.65 -3.44
CA MET A 322 -15.48 -30.95 -3.58
C MET A 322 -15.08 -31.57 -4.91
N LEU A 323 -15.24 -30.79 -5.97
CA LEU A 323 -14.90 -31.24 -7.32
C LEU A 323 -13.41 -31.57 -7.42
N GLU A 324 -12.64 -31.21 -6.40
CA GLU A 324 -11.20 -31.45 -6.41
C GLU A 324 -10.83 -32.58 -5.45
N ASN A 325 -11.82 -33.16 -4.78
CA ASN A 325 -11.56 -34.23 -3.84
C ASN A 325 -12.46 -35.45 -4.01
N GLN A 326 -12.78 -35.75 -5.27
CA GLN A 326 -13.61 -36.90 -5.59
C GLN A 326 -14.88 -36.96 -4.75
N CYS A 327 -15.88 -36.18 -5.13
CA CYS A 327 -17.15 -36.17 -4.40
C CYS A 327 -18.22 -36.91 -5.21
N ASP A 328 -19.25 -37.39 -4.52
CA ASP A 328 -20.33 -38.11 -5.18
C ASP A 328 -21.17 -37.16 -6.05
N ASN A 329 -21.61 -37.66 -7.20
CA ASN A 329 -22.42 -36.86 -8.12
C ASN A 329 -21.66 -35.61 -8.57
N LYS A 330 -20.45 -35.79 -9.05
CA LYS A 330 -19.65 -34.66 -9.50
C LYS A 330 -20.37 -33.89 -10.58
N GLU A 331 -21.16 -34.60 -11.38
CA GLU A 331 -21.91 -34.00 -12.48
C GLU A 331 -22.82 -32.87 -12.02
N ASP A 332 -23.63 -33.16 -11.01
CA ASP A 332 -24.58 -32.20 -10.47
C ASP A 332 -23.95 -31.02 -9.73
N ILE A 333 -22.84 -31.26 -9.04
CA ILE A 333 -22.15 -30.22 -8.29
C ILE A 333 -21.47 -29.20 -9.21
N LEU A 334 -20.90 -29.68 -10.30
CA LEU A 334 -20.26 -28.78 -11.24
C LEU A 334 -21.30 -27.81 -11.81
N ASN A 335 -22.53 -28.30 -11.98
CA ASN A 335 -23.59 -27.45 -12.51
C ASN A 335 -24.05 -26.49 -11.43
N LYS A 336 -24.15 -26.97 -10.20
CA LYS A 336 -24.56 -26.13 -9.09
C LYS A 336 -23.60 -24.95 -9.04
N ALA A 337 -22.31 -25.26 -9.13
CA ALA A 337 -21.25 -24.26 -9.09
C ALA A 337 -21.35 -23.26 -10.24
N LEU A 338 -21.50 -23.76 -11.45
CA LEU A 338 -21.60 -22.90 -12.62
C LEU A 338 -22.85 -22.02 -12.60
N GLU A 339 -23.88 -22.47 -11.89
CA GLU A 339 -25.12 -21.70 -11.80
C GLU A 339 -24.88 -20.51 -10.86
N LEU A 340 -24.25 -20.79 -9.73
CA LEU A 340 -23.94 -19.77 -8.73
C LEU A 340 -22.99 -18.74 -9.33
N CYS A 341 -22.03 -19.21 -10.12
CA CYS A 341 -21.07 -18.31 -10.75
C CYS A 341 -21.78 -17.34 -11.67
N GLU A 342 -22.74 -17.86 -12.43
CA GLU A 342 -23.50 -17.06 -13.36
C GLU A 342 -24.36 -16.03 -12.62
N ILE A 343 -25.07 -16.49 -11.60
CA ILE A 343 -25.90 -15.59 -10.82
C ILE A 343 -25.07 -14.44 -10.25
N LEU A 344 -23.87 -14.77 -9.76
CA LEU A 344 -22.97 -13.77 -9.20
C LEU A 344 -22.51 -12.76 -10.25
N ALA A 345 -21.99 -13.27 -11.37
CA ALA A 345 -21.49 -12.41 -12.43
C ALA A 345 -22.55 -11.59 -13.16
N LYS A 346 -23.80 -12.06 -13.12
CA LYS A 346 -24.87 -11.37 -13.82
C LYS A 346 -25.85 -10.60 -12.93
N GLU A 347 -26.03 -11.04 -11.69
CA GLU A 347 -26.96 -10.38 -10.78
C GLU A 347 -26.44 -9.94 -9.41
N LYS A 348 -26.13 -10.90 -8.56
CA LYS A 348 -25.67 -10.66 -7.18
C LYS A 348 -24.33 -9.94 -6.94
N ASP A 349 -23.35 -10.16 -7.82
CA ASP A 349 -22.04 -9.55 -7.61
C ASP A 349 -21.34 -9.20 -8.93
N THR A 350 -22.03 -8.41 -9.74
CA THR A 350 -21.55 -7.99 -11.05
C THR A 350 -20.24 -7.23 -11.11
N ILE A 351 -19.85 -6.61 -10.00
CA ILE A 351 -18.59 -5.85 -9.98
C ILE A 351 -17.42 -6.79 -10.20
N ARG A 352 -17.59 -8.06 -9.81
CA ARG A 352 -16.55 -9.08 -9.96
C ARG A 352 -16.83 -10.04 -11.12
N LYS A 353 -17.71 -9.63 -12.03
CA LYS A 353 -18.11 -10.44 -13.20
C LYS A 353 -16.95 -11.12 -13.92
N GLU A 354 -15.86 -10.40 -14.18
CA GLU A 354 -14.73 -10.99 -14.85
C GLU A 354 -14.11 -12.13 -14.04
N TYR A 355 -14.11 -11.99 -12.71
CA TYR A 355 -13.57 -13.04 -11.85
C TYR A 355 -14.48 -14.26 -11.83
N TRP A 356 -15.78 -14.02 -11.67
CA TRP A 356 -16.74 -15.12 -11.63
C TRP A 356 -16.84 -15.91 -12.95
N ARG A 357 -16.67 -15.23 -14.08
CA ARG A 357 -16.74 -15.91 -15.37
C ARG A 357 -15.47 -16.76 -15.53
N TYR A 358 -14.39 -16.32 -14.89
CA TYR A 358 -13.12 -17.04 -14.91
C TYR A 358 -13.26 -18.32 -14.11
N ILE A 359 -13.81 -18.19 -12.90
CA ILE A 359 -14.01 -19.35 -12.02
C ILE A 359 -14.94 -20.34 -12.74
N GLY A 360 -15.94 -19.81 -13.44
CA GLY A 360 -16.86 -20.67 -14.16
C GLY A 360 -16.11 -21.46 -15.23
N ARG A 361 -15.32 -20.74 -16.02
CA ARG A 361 -14.53 -21.37 -17.08
C ARG A 361 -13.54 -22.39 -16.53
N SER A 362 -12.69 -21.96 -15.60
CA SER A 362 -11.69 -22.85 -15.02
C SER A 362 -12.29 -24.12 -14.42
N LEU A 363 -13.46 -23.99 -13.82
CA LEU A 363 -14.16 -25.14 -13.24
C LEU A 363 -14.58 -26.10 -14.34
N GLN A 364 -14.99 -25.55 -15.49
CA GLN A 364 -15.39 -26.38 -16.61
C GLN A 364 -14.13 -27.05 -17.16
N SER A 365 -13.14 -26.23 -17.45
CA SER A 365 -11.87 -26.69 -17.99
C SER A 365 -11.27 -27.89 -17.29
N LYS A 366 -11.64 -28.12 -16.03
CA LYS A 366 -11.07 -29.23 -15.29
C LYS A 366 -12.07 -30.22 -14.68
N HIS A 367 -13.36 -30.02 -14.90
CA HIS A 367 -14.37 -30.92 -14.35
C HIS A 367 -15.50 -31.24 -15.34
N SER A 368 -15.29 -30.88 -16.61
CA SER A 368 -16.27 -31.11 -17.66
C SER A 368 -16.42 -32.60 -17.98
N PRO B 25 -25.33 3.09 -20.36
CA PRO B 25 -24.05 3.65 -20.89
C PRO B 25 -23.00 3.69 -19.79
N LEU B 26 -23.28 4.40 -18.69
CA LEU B 26 -22.35 4.46 -17.57
C LEU B 26 -22.81 3.53 -16.46
N TYR B 27 -21.97 2.54 -16.17
CA TYR B 27 -22.22 1.51 -15.16
C TYR B 27 -22.67 2.05 -13.81
N SER B 28 -22.01 3.09 -13.33
CA SER B 28 -22.33 3.68 -12.04
C SER B 28 -23.62 4.50 -11.99
N LEU B 29 -24.20 4.80 -13.15
CA LEU B 29 -25.42 5.59 -13.18
C LEU B 29 -26.69 4.81 -13.48
N ARG B 30 -26.54 3.54 -13.85
CA ARG B 30 -27.69 2.70 -14.14
C ARG B 30 -28.48 2.47 -12.85
N PRO B 31 -29.81 2.35 -12.97
CA PRO B 31 -30.64 2.14 -11.78
C PRO B 31 -30.34 0.90 -10.91
N GLU B 32 -29.93 -0.20 -11.53
CA GLU B 32 -29.63 -1.41 -10.76
C GLU B 32 -28.51 -1.14 -9.76
N HIS B 33 -27.60 -0.25 -10.15
CA HIS B 33 -26.45 0.10 -9.32
C HIS B 33 -26.85 0.50 -7.91
N ALA B 34 -28.03 1.11 -7.78
CA ALA B 34 -28.52 1.55 -6.48
C ALA B 34 -28.61 0.39 -5.50
N ARG B 35 -28.79 -0.82 -6.02
CA ARG B 35 -28.86 -2.02 -5.19
C ARG B 35 -27.52 -2.34 -4.55
N GLU B 36 -26.45 -1.76 -5.09
CA GLU B 36 -25.12 -2.02 -4.56
C GLU B 36 -24.78 -1.22 -3.30
N ARG B 37 -25.69 -0.36 -2.86
CA ARG B 37 -25.45 0.43 -1.66
C ARG B 37 -25.32 -0.51 -0.47
N LEU B 38 -24.52 -0.11 0.51
CA LEU B 38 -24.29 -0.90 1.71
C LEU B 38 -25.54 -1.34 2.46
N GLN B 39 -25.55 -2.62 2.86
CA GLN B 39 -26.64 -3.18 3.64
C GLN B 39 -26.00 -3.45 4.98
N ASP B 40 -26.33 -2.62 5.97
CA ASP B 40 -25.74 -2.76 7.29
C ASP B 40 -26.45 -3.71 8.25
N ASP B 41 -27.44 -4.44 7.76
CA ASP B 41 -28.18 -5.40 8.58
C ASP B 41 -28.74 -4.75 9.85
N SER B 42 -28.89 -3.43 9.82
CA SER B 42 -29.40 -2.66 10.94
C SER B 42 -28.51 -2.77 12.18
N VAL B 43 -27.27 -3.17 11.97
CA VAL B 43 -26.29 -3.25 13.04
C VAL B 43 -25.23 -2.22 12.70
N GLU B 44 -25.28 -1.07 13.38
CA GLU B 44 -24.33 0.00 13.11
C GLU B 44 -23.05 -0.05 13.95
N THR B 45 -21.93 0.17 13.27
CA THR B 45 -20.62 0.20 13.91
C THR B 45 -19.87 1.31 13.19
N VAL B 46 -18.70 1.67 13.70
CA VAL B 46 -17.91 2.73 13.09
C VAL B 46 -17.68 2.44 11.62
N THR B 47 -17.43 1.18 11.28
CA THR B 47 -17.18 0.81 9.90
C THR B 47 -18.37 1.08 8.98
N SER B 48 -19.55 0.57 9.32
CA SER B 48 -20.73 0.78 8.46
C SER B 48 -21.09 2.25 8.32
N ILE B 49 -21.03 2.99 9.42
CA ILE B 49 -21.34 4.41 9.41
C ILE B 49 -20.42 5.18 8.46
N GLU B 50 -19.11 4.91 8.56
CA GLU B 50 -18.15 5.59 7.70
C GLU B 50 -18.24 5.14 6.24
N GLN B 51 -18.64 3.90 6.03
CA GLN B 51 -18.78 3.39 4.67
C GLN B 51 -20.01 4.05 4.05
N ALA B 52 -21.05 4.25 4.88
CA ALA B 52 -22.28 4.86 4.44
C ALA B 52 -22.05 6.33 4.12
N LYS B 53 -21.27 7.02 4.96
CA LYS B 53 -20.99 8.43 4.71
C LYS B 53 -20.32 8.63 3.36
N VAL B 54 -19.30 7.83 3.06
CA VAL B 54 -18.60 7.98 1.78
C VAL B 54 -19.51 7.58 0.62
N GLU B 55 -20.30 6.53 0.82
CA GLU B 55 -21.22 6.11 -0.23
C GLU B 55 -22.23 7.20 -0.55
N GLU B 56 -22.72 7.88 0.48
CA GLU B 56 -23.69 8.95 0.27
C GLU B 56 -23.02 10.05 -0.57
N LYS B 57 -21.77 10.34 -0.25
CA LYS B 57 -21.02 11.37 -0.96
C LYS B 57 -20.73 10.99 -2.41
N ILE B 58 -20.50 9.70 -2.67
CA ILE B 58 -20.23 9.25 -4.05
C ILE B 58 -21.54 9.25 -4.85
N GLN B 59 -22.65 8.93 -4.19
CA GLN B 59 -23.93 8.90 -4.87
C GLN B 59 -24.27 10.30 -5.41
N GLU B 60 -23.92 11.33 -4.64
CA GLU B 60 -24.18 12.71 -5.05
C GLU B 60 -23.47 13.01 -6.36
N VAL B 61 -22.21 12.61 -6.46
CA VAL B 61 -21.44 12.84 -7.67
C VAL B 61 -22.08 12.11 -8.83
N PHE B 62 -22.46 10.86 -8.62
CA PHE B 62 -23.09 10.07 -9.67
C PHE B 62 -24.38 10.72 -10.15
N SER B 63 -25.27 11.09 -9.22
CA SER B 63 -26.58 11.70 -9.56
C SER B 63 -26.56 13.18 -9.95
N SER B 64 -25.44 13.86 -9.74
CA SER B 64 -25.35 15.29 -10.05
C SER B 64 -25.78 15.68 -11.46
N TYR B 65 -25.64 14.77 -12.41
CA TYR B 65 -26.02 15.05 -13.80
C TYR B 65 -27.55 15.03 -13.95
N LYS B 66 -28.18 14.01 -13.38
CA LYS B 66 -29.64 13.86 -13.40
C LYS B 66 -30.19 15.05 -12.64
N PHE B 67 -29.47 15.45 -11.59
CA PHE B 67 -29.85 16.56 -10.72
C PHE B 67 -29.79 17.89 -11.47
N ASN B 68 -28.68 18.15 -12.15
CA ASN B 68 -28.49 19.39 -12.90
C ASN B 68 -29.01 19.33 -14.33
N HIS B 69 -29.66 18.23 -14.67
CA HIS B 69 -30.24 18.02 -15.99
C HIS B 69 -29.25 18.17 -17.15
N LEU B 70 -28.11 17.52 -17.02
CA LEU B 70 -27.07 17.55 -18.04
C LEU B 70 -26.71 16.12 -18.41
N VAL B 71 -26.38 15.89 -19.67
CA VAL B 71 -25.98 14.56 -20.08
C VAL B 71 -24.54 14.40 -19.62
N PRO B 72 -24.23 13.31 -18.89
CA PRO B 72 -22.86 13.09 -18.40
C PRO B 72 -21.79 12.84 -19.46
N ARG B 73 -20.65 13.49 -19.27
CA ARG B 73 -19.51 13.36 -20.14
C ARG B 73 -18.29 13.21 -19.25
N LEU B 74 -17.60 12.08 -19.36
CA LEU B 74 -16.42 11.82 -18.55
C LEU B 74 -15.17 12.30 -19.29
N VAL B 75 -14.59 13.39 -18.81
CA VAL B 75 -13.42 13.98 -19.44
C VAL B 75 -12.24 14.12 -18.47
N LEU B 76 -11.10 13.54 -18.85
CA LEU B 76 -9.91 13.65 -18.04
C LEU B 76 -9.36 15.04 -18.33
N GLN B 77 -9.19 15.85 -17.28
CA GLN B 77 -8.71 17.22 -17.43
C GLN B 77 -7.20 17.38 -17.66
N ARG B 78 -6.72 16.82 -18.76
CA ARG B 78 -5.30 16.86 -19.14
C ARG B 78 -4.61 18.20 -18.95
N GLU B 79 -5.16 19.22 -19.58
CA GLU B 79 -4.61 20.56 -19.51
C GLU B 79 -4.44 21.03 -18.07
N LYS B 80 -5.50 20.89 -17.28
CA LYS B 80 -5.42 21.28 -15.88
C LYS B 80 -4.36 20.48 -15.13
N HIS B 81 -4.36 19.15 -15.32
CA HIS B 81 -3.39 18.28 -14.64
C HIS B 81 -1.97 18.58 -15.08
N PHE B 82 -1.80 19.00 -16.33
CA PHE B 82 -0.48 19.31 -16.86
C PHE B 82 0.14 20.53 -16.20
N HIS B 83 -0.63 21.60 -16.07
CA HIS B 83 -0.13 22.82 -15.45
C HIS B 83 0.30 22.49 -14.03
N TYR B 84 -0.58 21.81 -13.30
CA TYR B 84 -0.33 21.40 -11.92
C TYR B 84 1.02 20.68 -11.78
N LEU B 85 1.25 19.71 -12.67
CA LEU B 85 2.46 18.92 -12.67
C LEU B 85 3.69 19.70 -13.15
N LYS B 86 3.54 20.35 -14.30
CA LYS B 86 4.60 21.14 -14.90
C LYS B 86 5.22 22.09 -13.88
N ARG B 87 4.36 22.71 -13.08
CA ARG B 87 4.79 23.66 -12.06
C ARG B 87 5.40 22.95 -10.85
N GLY B 88 4.71 21.92 -10.35
CA GLY B 88 5.23 21.19 -9.20
C GLY B 88 6.62 20.66 -9.47
N LEU B 89 6.88 20.24 -10.70
CA LEU B 89 8.19 19.69 -11.05
C LEU B 89 9.31 20.70 -10.78
N ARG B 90 8.94 21.99 -10.75
CA ARG B 90 9.89 23.06 -10.50
C ARG B 90 9.88 23.56 -9.07
N GLN B 91 8.71 23.94 -8.57
CA GLN B 91 8.63 24.41 -7.19
C GLN B 91 7.29 24.14 -6.51
N LEU B 92 7.34 24.03 -5.19
CA LEU B 92 6.17 23.74 -4.39
C LEU B 92 6.03 24.69 -3.22
N THR B 93 4.82 24.85 -2.71
CA THR B 93 4.56 25.73 -1.58
C THR B 93 4.94 25.04 -0.24
N ASP B 94 4.97 25.78 0.86
CA ASP B 94 5.34 25.19 2.14
C ASP B 94 4.37 24.11 2.57
N ALA B 95 3.35 23.88 1.75
CA ALA B 95 2.36 22.85 2.06
C ALA B 95 3.05 21.49 1.94
N TYR B 96 4.16 21.47 1.22
CA TYR B 96 4.91 20.24 1.02
C TYR B 96 6.17 20.14 1.86
N GLU B 97 6.22 20.91 2.95
CA GLU B 97 7.36 20.85 3.86
C GLU B 97 7.49 19.44 4.44
N CYS B 98 6.35 18.75 4.54
CA CYS B 98 6.31 17.39 5.08
C CYS B 98 6.88 16.36 4.10
N LEU B 99 7.23 16.80 2.90
CA LEU B 99 7.81 15.90 1.91
C LEU B 99 9.26 16.28 1.64
N ASP B 100 9.83 17.05 2.56
CA ASP B 100 11.21 17.48 2.44
C ASP B 100 12.17 16.28 2.45
N ALA B 101 11.68 15.13 2.90
CA ALA B 101 12.50 13.93 2.95
C ALA B 101 12.04 12.94 1.89
N SER B 102 11.20 13.42 0.97
CA SER B 102 10.68 12.59 -0.09
C SER B 102 10.77 13.25 -1.47
N ARG B 103 11.80 14.02 -1.72
CA ARG B 103 11.88 14.71 -3.00
C ARG B 103 12.09 13.81 -4.22
N PRO B 104 12.84 12.71 -4.07
CA PRO B 104 12.98 11.87 -5.26
C PRO B 104 11.60 11.32 -5.64
N TRP B 105 10.73 11.16 -4.64
CA TRP B 105 9.38 10.64 -4.88
C TRP B 105 8.64 11.66 -5.73
N LEU B 106 8.73 12.93 -5.32
CA LEU B 106 8.08 14.01 -6.04
C LEU B 106 8.54 13.98 -7.50
N CYS B 107 9.83 13.76 -7.75
CA CYS B 107 10.31 13.71 -9.12
C CYS B 107 9.60 12.56 -9.83
N TYR B 108 9.67 11.37 -9.25
CA TYR B 108 9.03 10.19 -9.83
C TYR B 108 7.55 10.35 -10.11
N TRP B 109 6.79 10.72 -9.08
CA TRP B 109 5.34 10.89 -9.24
C TRP B 109 4.98 11.84 -10.37
N ILE B 110 5.66 12.98 -10.43
CA ILE B 110 5.37 13.99 -11.45
C ILE B 110 5.82 13.56 -12.83
N LEU B 111 7.10 13.18 -12.95
CA LEU B 111 7.63 12.71 -14.22
C LEU B 111 6.80 11.55 -14.77
N HIS B 112 6.36 10.65 -13.88
CA HIS B 112 5.56 9.51 -14.33
C HIS B 112 4.15 9.95 -14.76
N SER B 113 3.56 10.89 -14.03
CA SER B 113 2.22 11.39 -14.38
C SER B 113 2.26 12.06 -15.76
N LEU B 114 3.28 12.88 -15.99
CA LEU B 114 3.44 13.55 -17.28
C LEU B 114 3.68 12.49 -18.34
N GLU B 115 4.41 11.44 -17.97
CA GLU B 115 4.71 10.34 -18.88
C GLU B 115 3.40 9.68 -19.29
N LEU B 116 2.54 9.42 -18.31
CA LEU B 116 1.24 8.81 -18.60
C LEU B 116 0.39 9.75 -19.46
N LEU B 117 0.47 11.05 -19.20
CA LEU B 117 -0.30 12.03 -19.97
C LEU B 117 0.35 12.30 -21.33
N ASP B 118 1.47 11.63 -21.58
CA ASP B 118 2.20 11.78 -22.83
C ASP B 118 2.66 13.21 -23.08
N GLU B 119 3.31 13.78 -22.07
CA GLU B 119 3.84 15.13 -22.14
C GLU B 119 5.36 15.00 -22.05
N PRO B 120 6.08 15.58 -23.02
CA PRO B 120 7.54 15.50 -23.03
C PRO B 120 8.29 16.26 -21.94
N ILE B 121 9.42 15.68 -21.53
CA ILE B 121 10.28 16.28 -20.52
C ILE B 121 11.40 17.00 -21.28
N PRO B 122 11.35 18.34 -21.35
CA PRO B 122 12.39 19.09 -22.06
C PRO B 122 13.76 18.64 -21.55
N GLN B 123 14.68 18.40 -22.47
CA GLN B 123 16.01 17.95 -22.08
C GLN B 123 16.69 18.81 -21.01
N ILE B 124 16.30 20.06 -20.88
CA ILE B 124 16.90 20.93 -19.87
C ILE B 124 16.32 20.58 -18.50
N VAL B 125 15.07 20.16 -18.48
CA VAL B 125 14.41 19.76 -17.24
C VAL B 125 14.97 18.41 -16.82
N ALA B 126 15.11 17.52 -17.80
CA ALA B 126 15.65 16.19 -17.57
C ALA B 126 17.04 16.23 -16.95
N THR B 127 17.90 17.09 -17.46
CA THR B 127 19.25 17.21 -16.94
C THR B 127 19.25 17.82 -15.52
N ASP B 128 18.35 18.77 -15.26
CA ASP B 128 18.29 19.34 -13.91
C ASP B 128 17.82 18.29 -12.92
N VAL B 129 16.87 17.44 -13.35
CA VAL B 129 16.39 16.37 -12.49
C VAL B 129 17.55 15.42 -12.24
N CYS B 130 18.28 15.08 -13.31
CA CYS B 130 19.44 14.21 -13.19
C CYS B 130 20.44 14.79 -12.20
N GLN B 131 20.72 16.09 -12.32
CA GLN B 131 21.67 16.73 -11.42
C GLN B 131 21.17 16.77 -9.99
N PHE B 132 19.85 16.93 -9.83
CA PHE B 132 19.28 16.99 -8.50
C PHE B 132 19.35 15.64 -7.79
N LEU B 133 19.08 14.57 -8.52
CA LEU B 133 19.11 13.24 -7.94
C LEU B 133 20.55 12.86 -7.62
N GLU B 134 21.50 13.52 -8.26
CA GLU B 134 22.91 13.27 -8.04
C GLU B 134 23.28 13.74 -6.63
N LEU B 135 22.75 14.90 -6.27
CA LEU B 135 22.97 15.49 -4.95
C LEU B 135 22.35 14.62 -3.87
N CYS B 136 21.26 13.95 -4.24
CA CYS B 136 20.51 13.07 -3.36
C CYS B 136 21.22 11.73 -3.14
N GLN B 137 22.01 11.32 -4.14
CA GLN B 137 22.74 10.06 -4.05
C GLN B 137 23.80 10.08 -2.94
N SER B 138 23.82 9.01 -2.15
CA SER B 138 24.76 8.87 -1.04
C SER B 138 26.13 8.35 -1.47
N PRO B 139 27.19 8.82 -0.80
CA PRO B 139 28.54 8.37 -1.16
C PRO B 139 28.68 6.85 -0.99
N ASP B 140 27.88 6.30 -0.09
CA ASP B 140 27.94 4.87 0.18
C ASP B 140 26.89 4.01 -0.52
N GLY B 141 26.19 4.59 -1.49
CA GLY B 141 25.19 3.85 -2.23
C GLY B 141 23.76 4.25 -1.94
N GLY B 142 22.92 4.23 -2.98
CA GLY B 142 21.52 4.59 -2.82
C GLY B 142 21.28 6.09 -2.83
N PHE B 143 20.00 6.46 -2.75
CA PHE B 143 19.61 7.86 -2.73
C PHE B 143 18.87 8.24 -1.45
N GLY B 144 19.05 9.49 -1.02
CA GLY B 144 18.39 9.97 0.18
C GLY B 144 17.17 10.79 -0.20
N GLY B 145 16.40 11.24 0.79
CA GLY B 145 15.20 12.02 0.50
C GLY B 145 15.46 13.41 -0.05
N GLY B 146 16.73 13.83 0.01
CA GLY B 146 17.14 15.13 -0.47
C GLY B 146 18.63 15.27 -0.32
N PRO B 147 19.22 16.41 -0.73
CA PRO B 147 20.68 16.64 -0.62
C PRO B 147 21.23 16.44 0.79
N GLY B 148 22.19 15.54 0.92
CA GLY B 148 22.80 15.31 2.22
C GLY B 148 22.04 14.41 3.17
N GLN B 149 20.89 13.90 2.74
CA GLN B 149 20.13 13.01 3.59
C GLN B 149 20.67 11.59 3.43
N TYR B 150 20.63 10.81 4.51
CA TYR B 150 21.11 9.43 4.45
C TYR B 150 20.31 8.64 3.42
N PRO B 151 20.92 7.58 2.85
CA PRO B 151 20.20 6.80 1.84
C PRO B 151 19.04 6.04 2.47
N HIS B 152 18.01 5.75 1.69
CA HIS B 152 16.81 5.04 2.14
C HIS B 152 16.24 4.30 0.91
N LEU B 153 15.75 3.07 1.09
CA LEU B 153 15.23 2.33 -0.07
C LEU B 153 14.06 2.95 -0.82
N ALA B 154 13.19 3.67 -0.12
CA ALA B 154 12.05 4.29 -0.78
C ALA B 154 12.52 5.36 -1.77
N PRO B 155 13.33 6.34 -1.29
CA PRO B 155 13.73 7.33 -2.30
C PRO B 155 14.66 6.75 -3.36
N THR B 156 15.36 5.66 -3.04
CA THR B 156 16.25 5.01 -4.00
C THR B 156 15.43 4.41 -5.14
N TYR B 157 14.26 3.87 -4.80
CA TYR B 157 13.35 3.28 -5.78
C TYR B 157 12.81 4.40 -6.67
N ALA B 158 12.48 5.52 -6.04
CA ALA B 158 11.95 6.67 -6.74
C ALA B 158 12.94 7.29 -7.72
N ALA B 159 14.19 7.45 -7.29
CA ALA B 159 15.24 8.05 -8.12
C ALA B 159 15.54 7.20 -9.34
N VAL B 160 15.86 5.93 -9.10
CA VAL B 160 16.15 5.02 -10.18
C VAL B 160 15.00 5.03 -11.17
N ASN B 161 13.77 4.97 -10.67
CA ASN B 161 12.59 5.00 -11.54
C ASN B 161 12.50 6.32 -12.29
N ALA B 162 12.73 7.41 -11.58
CA ALA B 162 12.68 8.74 -12.18
C ALA B 162 13.74 8.80 -13.28
N LEU B 163 14.97 8.43 -12.93
CA LEU B 163 16.06 8.44 -13.91
C LEU B 163 15.73 7.57 -15.13
N CYS B 164 15.04 6.45 -14.91
CA CYS B 164 14.69 5.56 -16.01
C CYS B 164 13.60 6.13 -16.92
N ILE B 165 12.69 6.92 -16.35
CA ILE B 165 11.63 7.55 -17.16
C ILE B 165 12.30 8.51 -18.13
N ILE B 166 13.35 9.18 -17.68
CA ILE B 166 14.10 10.11 -18.51
C ILE B 166 14.81 9.28 -19.58
N GLY B 167 15.44 8.19 -19.13
CA GLY B 167 16.10 7.26 -20.04
C GLY B 167 17.28 7.67 -20.91
N THR B 168 17.97 8.76 -20.56
CA THR B 168 19.11 9.19 -21.33
C THR B 168 20.37 8.55 -20.76
N GLU B 169 21.45 8.64 -21.51
CA GLU B 169 22.72 8.08 -21.07
C GLU B 169 23.13 8.86 -19.82
N GLU B 170 22.74 10.13 -19.78
CA GLU B 170 23.05 10.99 -18.64
C GLU B 170 22.39 10.49 -17.36
N ALA B 171 21.10 10.21 -17.45
CA ALA B 171 20.34 9.74 -16.31
C ALA B 171 20.91 8.42 -15.79
N TYR B 172 21.05 7.46 -16.69
CA TYR B 172 21.60 6.14 -16.33
C TYR B 172 22.93 6.24 -15.58
N ASN B 173 23.83 7.08 -16.06
CA ASN B 173 25.14 7.19 -15.43
C ASN B 173 25.14 7.80 -14.03
N VAL B 174 24.03 8.44 -13.67
CA VAL B 174 23.92 9.03 -12.36
C VAL B 174 24.05 7.95 -11.30
N ILE B 175 23.47 6.80 -11.58
CA ILE B 175 23.46 5.67 -10.65
C ILE B 175 24.80 4.98 -10.45
N ASN B 176 25.36 5.08 -9.25
CA ASN B 176 26.62 4.41 -8.95
C ASN B 176 26.22 2.97 -8.62
N ARG B 177 26.31 2.09 -9.62
CA ARG B 177 25.93 0.68 -9.50
C ARG B 177 26.69 -0.17 -8.47
N GLU B 178 27.98 0.08 -8.30
CA GLU B 178 28.75 -0.70 -7.34
C GLU B 178 28.34 -0.34 -5.93
N LYS B 179 28.14 0.95 -5.68
CA LYS B 179 27.74 1.41 -4.37
C LYS B 179 26.30 1.00 -4.08
N LEU B 180 25.45 0.99 -5.12
CA LEU B 180 24.06 0.61 -4.93
C LEU B 180 23.98 -0.83 -4.43
N LEU B 181 24.73 -1.72 -5.08
CA LEU B 181 24.76 -3.14 -4.71
C LEU B 181 25.28 -3.25 -3.28
N GLN B 182 26.32 -2.49 -3.00
CA GLN B 182 26.93 -2.48 -1.69
C GLN B 182 25.91 -2.04 -0.63
N TYR B 183 25.17 -0.97 -0.92
CA TYR B 183 24.16 -0.48 0.01
C TYR B 183 23.08 -1.54 0.22
N LEU B 184 22.63 -2.16 -0.87
CA LEU B 184 21.61 -3.21 -0.78
C LEU B 184 22.07 -4.33 0.17
N TYR B 185 23.34 -4.70 0.08
CA TYR B 185 23.88 -5.75 0.94
C TYR B 185 23.89 -5.32 2.40
N SER B 186 24.10 -4.03 2.66
CA SER B 186 24.15 -3.56 4.04
C SER B 186 22.79 -3.59 4.71
N LEU B 187 21.74 -3.77 3.92
CA LEU B 187 20.38 -3.80 4.46
C LEU B 187 19.80 -5.21 4.57
N LYS B 188 20.39 -6.16 3.83
CA LYS B 188 19.93 -7.54 3.83
C LYS B 188 19.98 -8.19 5.21
N GLN B 189 18.93 -8.93 5.55
CA GLN B 189 18.85 -9.64 6.83
C GLN B 189 19.00 -11.14 6.60
N PRO B 190 19.38 -11.88 7.65
CA PRO B 190 19.54 -13.34 7.51
C PRO B 190 18.27 -14.06 7.11
N ASP B 191 17.11 -13.57 7.57
CA ASP B 191 15.84 -14.22 7.26
C ASP B 191 15.31 -13.90 5.87
N GLY B 192 16.11 -13.20 5.07
CA GLY B 192 15.70 -12.87 3.71
C GLY B 192 15.12 -11.49 3.47
N SER B 193 14.77 -10.76 4.53
CA SER B 193 14.20 -9.42 4.35
C SER B 193 15.27 -8.34 4.24
N PHE B 194 14.83 -7.11 4.01
CA PHE B 194 15.75 -5.97 3.89
C PHE B 194 15.30 -4.85 4.82
N LEU B 195 16.24 -4.07 5.33
CA LEU B 195 15.87 -2.93 6.15
C LEU B 195 15.54 -1.81 5.15
N MET B 196 14.67 -0.87 5.52
CA MET B 196 14.33 0.24 4.62
C MET B 196 15.55 1.15 4.50
N HIS B 197 16.29 1.25 5.60
CA HIS B 197 17.51 2.06 5.68
C HIS B 197 18.31 1.59 6.89
N VAL B 198 19.57 2.01 6.99
CA VAL B 198 20.42 1.60 8.10
C VAL B 198 19.81 2.04 9.42
N GLY B 199 19.76 1.12 10.38
CA GLY B 199 19.18 1.44 11.67
C GLY B 199 17.68 1.66 11.54
N GLY B 200 17.12 1.19 10.43
CA GLY B 200 15.69 1.38 10.17
C GLY B 200 14.84 0.13 10.30
N GLU B 201 13.56 0.28 9.96
CA GLU B 201 12.59 -0.81 10.05
C GLU B 201 12.54 -1.72 8.82
N VAL B 202 11.88 -2.85 8.97
CA VAL B 202 11.74 -3.80 7.87
C VAL B 202 10.28 -4.15 7.59
N ASP B 203 9.95 -4.25 6.29
CA ASP B 203 8.62 -4.63 5.84
C ASP B 203 8.73 -4.94 4.36
N VAL B 204 7.73 -5.59 3.81
CA VAL B 204 7.74 -6.01 2.41
C VAL B 204 8.02 -4.91 1.36
N ARG B 205 7.90 -3.64 1.73
CA ARG B 205 8.18 -2.56 0.78
C ARG B 205 9.66 -2.60 0.40
N SER B 206 10.52 -2.85 1.38
CA SER B 206 11.96 -2.88 1.13
C SER B 206 12.33 -3.98 0.15
N ALA B 207 11.61 -5.09 0.21
CA ALA B 207 11.86 -6.22 -0.68
C ALA B 207 11.64 -5.80 -2.13
N TYR B 208 10.52 -5.12 -2.36
CA TYR B 208 10.17 -4.61 -3.70
C TYR B 208 11.17 -3.54 -4.17
N CYS B 209 11.37 -2.52 -3.33
CA CYS B 209 12.29 -1.44 -3.67
C CYS B 209 13.65 -1.98 -4.08
N ALA B 210 14.16 -2.93 -3.31
CA ALA B 210 15.46 -3.52 -3.60
C ALA B 210 15.45 -4.31 -4.90
N ALA B 211 14.44 -5.17 -5.06
CA ALA B 211 14.33 -5.98 -6.26
C ALA B 211 14.15 -5.12 -7.50
N SER B 212 13.39 -4.04 -7.35
CA SER B 212 13.12 -3.13 -8.45
C SER B 212 14.36 -2.41 -8.97
N VAL B 213 15.17 -1.86 -8.06
CA VAL B 213 16.37 -1.14 -8.47
C VAL B 213 17.47 -2.09 -8.91
N ALA B 214 17.57 -3.23 -8.23
CA ALA B 214 18.59 -4.22 -8.55
C ALA B 214 18.39 -4.85 -9.92
N SER B 215 17.13 -5.16 -10.26
CA SER B 215 16.84 -5.78 -11.54
C SER B 215 17.09 -4.81 -12.68
N LEU B 216 16.52 -3.61 -12.59
CA LEU B 216 16.68 -2.60 -13.61
C LEU B 216 18.14 -2.22 -13.89
N THR B 217 18.96 -2.11 -12.85
CA THR B 217 20.36 -1.73 -13.03
C THR B 217 21.29 -2.93 -13.19
N ASN B 218 20.70 -4.12 -13.26
CA ASN B 218 21.44 -5.35 -13.42
C ASN B 218 22.61 -5.49 -12.43
N ILE B 219 22.29 -5.55 -11.15
CA ILE B 219 23.32 -5.71 -10.12
C ILE B 219 22.97 -6.89 -9.22
N ILE B 220 22.06 -7.75 -9.69
CA ILE B 220 21.63 -8.91 -8.93
C ILE B 220 22.66 -10.04 -8.92
N THR B 221 23.27 -10.25 -7.76
CA THR B 221 24.27 -11.29 -7.57
C THR B 221 23.54 -12.61 -7.28
N PRO B 222 24.26 -13.74 -7.26
CA PRO B 222 23.57 -15.00 -6.99
C PRO B 222 22.91 -15.15 -5.61
N ASP B 223 23.44 -14.45 -4.61
CA ASP B 223 22.90 -14.54 -3.25
C ASP B 223 22.20 -13.29 -2.69
N LEU B 224 22.07 -12.24 -3.50
CA LEU B 224 21.43 -11.01 -3.05
C LEU B 224 20.02 -11.25 -2.47
N PHE B 225 19.17 -11.95 -3.22
CA PHE B 225 17.81 -12.21 -2.76
C PHE B 225 17.60 -13.60 -2.18
N GLU B 226 18.66 -14.12 -1.57
CA GLU B 226 18.65 -15.42 -0.93
C GLU B 226 17.61 -15.37 0.17
N GLY B 227 16.56 -16.18 0.05
CA GLY B 227 15.54 -16.21 1.08
C GLY B 227 14.51 -15.10 1.08
N THR B 228 14.63 -14.16 0.15
CA THR B 228 13.69 -13.05 0.06
C THR B 228 12.29 -13.54 -0.37
N ALA B 229 12.26 -14.33 -1.44
CA ALA B 229 11.00 -14.85 -1.93
C ALA B 229 10.28 -15.60 -0.83
N GLU B 230 11.06 -16.29 0.00
CA GLU B 230 10.50 -17.07 1.10
C GLU B 230 9.97 -16.19 2.21
N TRP B 231 10.67 -15.10 2.50
CA TRP B 231 10.24 -14.18 3.54
C TRP B 231 8.94 -13.51 3.10
N ILE B 232 8.88 -13.12 1.83
CA ILE B 232 7.68 -12.47 1.31
C ILE B 232 6.46 -13.39 1.39
N ALA B 233 6.62 -14.67 1.09
CA ALA B 233 5.49 -15.61 1.17
C ALA B 233 5.01 -15.78 2.60
N ARG B 234 5.88 -15.52 3.57
CA ARG B 234 5.48 -15.63 4.97
C ARG B 234 4.53 -14.49 5.29
N CYS B 235 4.53 -13.46 4.44
CA CYS B 235 3.68 -12.31 4.66
C CYS B 235 2.28 -12.52 4.14
N GLN B 236 2.09 -13.55 3.32
CA GLN B 236 0.75 -13.82 2.82
C GLN B 236 0.01 -14.45 4.00
N ASN B 237 -1.20 -13.98 4.29
CA ASN B 237 -1.96 -14.50 5.44
C ASN B 237 -3.30 -15.16 5.07
N TRP B 238 -4.07 -15.50 6.09
CA TRP B 238 -5.37 -16.15 5.94
C TRP B 238 -6.35 -15.44 4.99
N GLU B 239 -6.20 -14.13 4.82
CA GLU B 239 -7.08 -13.37 3.94
C GLU B 239 -6.74 -13.61 2.48
N GLY B 240 -5.52 -14.05 2.20
CA GLY B 240 -5.12 -14.28 0.82
C GLY B 240 -4.18 -13.19 0.33
N GLY B 241 -4.26 -12.02 0.96
CA GLY B 241 -3.40 -10.91 0.60
C GLY B 241 -2.09 -10.96 1.35
N ILE B 242 -1.33 -9.87 1.27
CA ILE B 242 -0.03 -9.78 1.92
C ILE B 242 0.03 -8.61 2.91
N GLY B 243 0.70 -8.82 4.04
CA GLY B 243 0.82 -7.79 5.06
C GLY B 243 2.23 -7.22 5.04
N GLY B 244 2.47 -6.16 5.82
CA GLY B 244 3.78 -5.56 5.84
C GLY B 244 4.86 -6.52 6.34
N VAL B 245 4.53 -7.27 7.39
CA VAL B 245 5.43 -8.26 7.98
C VAL B 245 4.56 -9.48 8.32
N PRO B 246 5.19 -10.65 8.52
CA PRO B 246 4.40 -11.85 8.85
C PRO B 246 3.45 -11.66 10.03
N GLY B 247 2.18 -11.99 9.84
CA GLY B 247 1.19 -11.85 10.89
C GLY B 247 0.30 -10.63 10.76
N MET B 248 0.72 -9.67 9.93
CA MET B 248 -0.05 -8.45 9.74
C MET B 248 -1.19 -8.54 8.75
N GLU B 249 -2.17 -7.66 8.93
CA GLU B 249 -3.34 -7.60 8.09
C GLU B 249 -2.97 -7.41 6.63
N ALA B 250 -3.76 -7.98 5.73
CA ALA B 250 -3.50 -7.88 4.31
C ALA B 250 -3.80 -6.46 3.87
N HIS B 251 -2.88 -5.88 3.08
CA HIS B 251 -3.04 -4.52 2.59
C HIS B 251 -2.59 -4.38 1.14
N GLY B 252 -3.36 -3.62 0.37
CA GLY B 252 -3.04 -3.43 -1.03
C GLY B 252 -1.66 -2.88 -1.36
N GLY B 253 -1.14 -1.99 -0.53
CA GLY B 253 0.16 -1.42 -0.79
C GLY B 253 1.25 -2.46 -0.64
N TYR B 254 1.15 -3.25 0.42
CA TYR B 254 2.15 -4.28 0.67
C TYR B 254 1.97 -5.49 -0.23
N THR B 255 0.72 -5.78 -0.61
CA THR B 255 0.46 -6.92 -1.47
C THR B 255 1.05 -6.66 -2.86
N PHE B 256 0.94 -5.44 -3.36
CA PHE B 256 1.50 -5.12 -4.65
C PHE B 256 3.01 -5.31 -4.57
N CYS B 257 3.61 -4.78 -3.51
CA CYS B 257 5.05 -4.87 -3.29
C CYS B 257 5.50 -6.33 -3.26
N GLY B 258 4.74 -7.16 -2.55
CA GLY B 258 5.07 -8.58 -2.45
C GLY B 258 5.01 -9.34 -3.76
N LEU B 259 3.87 -9.30 -4.42
CA LEU B 259 3.70 -10.01 -5.68
C LEU B 259 4.66 -9.48 -6.75
N ALA B 260 4.75 -8.16 -6.88
CA ALA B 260 5.63 -7.56 -7.88
C ALA B 260 7.08 -7.95 -7.63
N ALA B 261 7.49 -7.98 -6.37
CA ALA B 261 8.86 -8.36 -6.03
C ALA B 261 9.09 -9.79 -6.51
N LEU B 262 8.13 -10.66 -6.21
CA LEU B 262 8.22 -12.08 -6.60
C LEU B 262 8.27 -12.25 -8.12
N VAL B 263 7.53 -11.42 -8.85
CA VAL B 263 7.54 -11.50 -10.29
C VAL B 263 8.94 -11.17 -10.80
N ILE B 264 9.62 -10.26 -10.14
CA ILE B 264 10.96 -9.88 -10.53
C ILE B 264 11.93 -11.05 -10.29
N LEU B 265 11.75 -11.74 -9.17
CA LEU B 265 12.61 -12.88 -8.83
C LEU B 265 12.13 -14.20 -9.45
N LYS B 266 11.07 -14.13 -10.26
CA LYS B 266 10.49 -15.31 -10.92
C LYS B 266 10.06 -16.37 -9.91
N LYS B 267 9.51 -15.93 -8.77
CA LYS B 267 9.08 -16.84 -7.72
C LYS B 267 7.63 -16.63 -7.29
N GLU B 268 6.79 -16.14 -8.20
CA GLU B 268 5.39 -15.88 -7.89
C GLU B 268 4.72 -17.12 -7.35
N ARG B 269 5.19 -18.26 -7.83
CA ARG B 269 4.65 -19.55 -7.44
C ARG B 269 4.74 -19.82 -5.94
N SER B 270 5.59 -19.08 -5.25
CA SER B 270 5.76 -19.25 -3.81
C SER B 270 4.50 -18.85 -3.04
N LEU B 271 3.59 -18.18 -3.73
CA LEU B 271 2.36 -17.73 -3.10
C LEU B 271 1.16 -18.58 -3.50
N ASN B 272 0.14 -18.56 -2.64
CA ASN B 272 -1.09 -19.26 -2.92
C ASN B 272 -1.78 -18.26 -3.87
N LEU B 273 -1.48 -18.33 -5.15
CA LEU B 273 -2.04 -17.38 -6.12
C LEU B 273 -3.55 -17.33 -6.22
N LYS B 274 -4.23 -18.40 -5.80
CA LYS B 274 -5.68 -18.42 -5.91
C LYS B 274 -6.34 -17.60 -4.81
N SER B 275 -5.88 -17.73 -3.57
CA SER B 275 -6.48 -16.98 -2.48
C SER B 275 -6.13 -15.50 -2.65
N LEU B 276 -4.97 -15.22 -3.24
CA LEU B 276 -4.56 -13.84 -3.49
C LEU B 276 -5.52 -13.21 -4.50
N LEU B 277 -5.80 -13.94 -5.57
CA LEU B 277 -6.72 -13.45 -6.60
C LEU B 277 -8.09 -13.18 -6.02
N GLN B 278 -8.58 -14.10 -5.19
CA GLN B 278 -9.90 -13.92 -4.60
C GLN B 278 -9.93 -12.70 -3.66
N TRP B 279 -8.81 -12.46 -2.96
CA TRP B 279 -8.69 -11.34 -2.04
C TRP B 279 -8.70 -9.98 -2.75
N VAL B 280 -7.83 -9.80 -3.74
CA VAL B 280 -7.74 -8.54 -4.45
C VAL B 280 -9.01 -8.16 -5.19
N THR B 281 -9.64 -9.12 -5.85
CA THR B 281 -10.86 -8.83 -6.61
C THR B 281 -11.98 -8.39 -5.67
N SER B 282 -11.95 -8.89 -4.44
CA SER B 282 -12.98 -8.54 -3.45
C SER B 282 -12.74 -7.14 -2.86
N ARG B 283 -11.59 -6.56 -3.20
CA ARG B 283 -11.22 -5.25 -2.70
C ARG B 283 -11.85 -4.13 -3.53
N GLN B 284 -12.47 -4.49 -4.64
CA GLN B 284 -13.12 -3.49 -5.47
C GLN B 284 -14.50 -3.26 -4.84
N MET B 285 -14.84 -1.99 -4.64
CA MET B 285 -16.13 -1.65 -4.03
C MET B 285 -17.27 -1.78 -5.03
N ARG B 286 -18.27 -2.60 -4.67
CA ARG B 286 -19.42 -2.85 -5.54
C ARG B 286 -20.16 -1.55 -5.89
N PHE B 287 -20.18 -0.60 -4.96
CA PHE B 287 -20.86 0.66 -5.24
C PHE B 287 -19.96 1.72 -5.85
N GLU B 288 -18.91 2.12 -5.12
CA GLU B 288 -18.01 3.16 -5.58
C GLU B 288 -17.34 2.84 -6.92
N GLY B 289 -16.90 1.60 -7.08
CA GLY B 289 -16.25 1.21 -8.32
C GLY B 289 -14.74 1.18 -8.20
N GLY B 290 -14.23 1.89 -7.20
CA GLY B 290 -12.80 1.91 -6.98
C GLY B 290 -12.41 0.84 -6.00
N PHE B 291 -11.16 0.89 -5.52
CA PHE B 291 -10.69 -0.11 -4.56
C PHE B 291 -10.41 0.43 -3.17
N GLN B 292 -10.45 -0.49 -2.20
CA GLN B 292 -10.14 -0.20 -0.81
C GLN B 292 -8.77 -0.87 -0.63
N GLY B 293 -8.04 -0.50 0.42
CA GLY B 293 -6.73 -1.10 0.64
C GLY B 293 -6.77 -2.27 1.58
N ARG B 294 -7.85 -2.39 2.33
CA ARG B 294 -8.01 -3.45 3.31
C ARG B 294 -9.50 -3.77 3.37
N CYS B 295 -9.81 -4.98 3.79
CA CYS B 295 -11.20 -5.35 3.91
C CYS B 295 -11.86 -4.48 4.98
N ASN B 296 -13.07 -4.03 4.68
CA ASN B 296 -13.85 -3.19 5.58
C ASN B 296 -13.29 -1.81 5.83
N LYS B 297 -12.60 -1.25 4.84
CA LYS B 297 -12.08 0.09 4.92
C LYS B 297 -12.67 0.89 3.75
N LEU B 298 -12.28 2.14 3.62
CA LEU B 298 -12.83 2.99 2.57
C LEU B 298 -12.09 2.94 1.24
N VAL B 299 -12.82 3.24 0.18
CA VAL B 299 -12.23 3.26 -1.16
C VAL B 299 -11.21 4.40 -1.18
N ASP B 300 -10.26 4.38 -2.12
CA ASP B 300 -9.24 5.41 -2.24
C ASP B 300 -8.59 5.33 -3.62
N GLY B 301 -8.66 6.43 -4.35
CA GLY B 301 -8.12 6.52 -5.70
C GLY B 301 -6.74 5.92 -5.95
N CYS B 302 -5.81 6.08 -5.01
CA CYS B 302 -4.47 5.55 -5.25
C CYS B 302 -4.43 4.02 -5.33
N TYR B 303 -5.40 3.37 -4.70
CA TYR B 303 -5.44 1.92 -4.72
C TYR B 303 -5.92 1.44 -6.08
N SER B 304 -6.23 2.38 -6.97
CA SER B 304 -6.65 2.01 -8.31
C SER B 304 -5.41 1.38 -8.90
N PHE B 305 -4.25 1.71 -8.35
CA PHE B 305 -3.03 1.13 -8.86
C PHE B 305 -2.53 -0.05 -8.02
N TRP B 306 -2.37 0.19 -6.72
CA TRP B 306 -1.86 -0.86 -5.83
C TRP B 306 -2.70 -2.13 -5.89
N GLN B 307 -4.02 -2.00 -5.89
CA GLN B 307 -4.90 -3.17 -5.95
C GLN B 307 -5.16 -3.65 -7.38
N ALA B 308 -5.69 -2.78 -8.24
CA ALA B 308 -5.98 -3.15 -9.61
C ALA B 308 -4.75 -3.56 -10.40
N GLY B 309 -3.59 -3.02 -10.02
CA GLY B 309 -2.35 -3.34 -10.71
C GLY B 309 -1.94 -4.79 -10.48
N LEU B 310 -2.50 -5.40 -9.44
CA LEU B 310 -2.20 -6.79 -9.12
C LEU B 310 -2.77 -7.73 -10.17
N LEU B 311 -3.90 -7.36 -10.76
CA LEU B 311 -4.54 -8.19 -11.76
C LEU B 311 -3.63 -8.51 -12.95
N PRO B 312 -2.94 -7.50 -13.50
CA PRO B 312 -2.06 -7.84 -14.63
C PRO B 312 -0.95 -8.79 -14.16
N LEU B 313 -0.52 -8.63 -12.91
CA LEU B 313 0.53 -9.47 -12.34
C LEU B 313 0.08 -10.93 -12.21
N LEU B 314 -1.13 -11.13 -11.70
CA LEU B 314 -1.66 -12.48 -11.54
C LEU B 314 -1.99 -13.09 -12.90
N HIS B 315 -2.47 -12.26 -13.82
CA HIS B 315 -2.82 -12.72 -15.15
C HIS B 315 -1.59 -13.34 -15.79
N ARG B 316 -0.47 -12.62 -15.69
CA ARG B 316 0.81 -13.06 -16.23
C ARG B 316 1.34 -14.28 -15.48
N ALA B 317 1.21 -14.26 -14.15
CA ALA B 317 1.70 -15.36 -13.33
C ALA B 317 0.97 -16.64 -13.68
N LEU B 318 -0.36 -16.55 -13.78
CA LEU B 318 -1.17 -17.72 -14.10
C LEU B 318 -0.96 -18.20 -15.53
N HIS B 319 -0.82 -17.26 -16.46
CA HIS B 319 -0.60 -17.61 -17.84
C HIS B 319 0.71 -18.39 -18.03
N ALA B 320 1.76 -17.95 -17.35
CA ALA B 320 3.07 -18.60 -17.43
C ALA B 320 2.99 -19.93 -16.72
N GLN B 321 1.90 -20.11 -15.97
CA GLN B 321 1.67 -21.34 -15.23
C GLN B 321 0.80 -22.21 -16.13
N GLY B 322 0.41 -21.64 -17.28
CA GLY B 322 -0.40 -22.35 -18.26
C GLY B 322 -1.91 -22.34 -18.06
N ASP B 323 -2.43 -21.40 -17.25
CA ASP B 323 -3.87 -21.34 -16.98
C ASP B 323 -4.66 -21.21 -18.28
N PRO B 324 -5.57 -22.16 -18.54
CA PRO B 324 -6.35 -22.10 -19.77
C PRO B 324 -7.64 -21.25 -19.72
N ALA B 325 -8.03 -20.80 -18.53
CA ALA B 325 -9.26 -20.01 -18.40
C ALA B 325 -9.11 -18.48 -18.49
N LEU B 326 -7.89 -17.97 -18.41
CA LEU B 326 -7.67 -16.53 -18.48
C LEU B 326 -8.34 -15.82 -19.65
N SER B 327 -9.02 -14.71 -19.36
CA SER B 327 -9.69 -13.92 -20.38
C SER B 327 -8.70 -13.54 -21.48
N MET B 328 -9.22 -13.25 -22.65
CA MET B 328 -8.37 -12.86 -23.78
C MET B 328 -8.42 -11.37 -24.05
N SER B 329 -9.30 -10.66 -23.34
CA SER B 329 -9.44 -9.22 -23.57
C SER B 329 -9.61 -8.34 -22.33
N HIS B 330 -9.67 -8.92 -21.14
CA HIS B 330 -9.86 -8.12 -19.92
C HIS B 330 -9.11 -8.63 -18.69
N TRP B 331 -8.87 -7.73 -17.75
CA TRP B 331 -8.20 -8.07 -16.48
C TRP B 331 -9.32 -8.53 -15.55
N MET B 332 -8.99 -9.29 -14.51
CA MET B 332 -10.04 -9.76 -13.63
C MET B 332 -10.58 -8.78 -12.58
N PHE B 333 -10.94 -7.58 -13.05
CA PHE B 333 -11.54 -6.56 -12.22
C PHE B 333 -12.41 -5.72 -13.15
N HIS B 334 -13.40 -5.03 -12.61
CA HIS B 334 -14.29 -4.22 -13.42
C HIS B 334 -13.57 -2.96 -13.90
N GLN B 335 -13.02 -3.03 -15.11
CA GLN B 335 -12.28 -1.90 -15.68
C GLN B 335 -13.12 -0.64 -15.88
N GLN B 336 -14.34 -0.82 -16.41
CA GLN B 336 -15.24 0.30 -16.64
C GLN B 336 -15.51 1.03 -15.31
N ALA B 337 -15.98 0.31 -14.31
CA ALA B 337 -16.28 0.91 -13.01
C ALA B 337 -15.09 1.66 -12.39
N LEU B 338 -13.89 1.10 -12.46
CA LEU B 338 -12.73 1.79 -11.90
C LEU B 338 -12.44 3.09 -12.65
N GLN B 339 -12.67 3.09 -13.96
CA GLN B 339 -12.45 4.30 -14.75
C GLN B 339 -13.52 5.36 -14.44
N GLU B 340 -14.72 4.90 -14.13
CA GLU B 340 -15.80 5.81 -13.82
C GLU B 340 -15.55 6.46 -12.45
N TYR B 341 -15.08 5.67 -11.49
CA TYR B 341 -14.79 6.20 -10.16
C TYR B 341 -13.68 7.25 -10.23
N ILE B 342 -12.61 6.93 -10.95
CA ILE B 342 -11.48 7.84 -11.11
C ILE B 342 -11.89 9.12 -11.85
N LEU B 343 -12.57 8.97 -12.98
CA LEU B 343 -12.97 10.12 -13.78
C LEU B 343 -14.05 11.02 -13.16
N MET B 344 -15.01 10.44 -12.45
CA MET B 344 -16.06 11.25 -11.86
C MET B 344 -15.76 11.76 -10.44
N CYS B 345 -15.08 10.92 -9.65
CA CYS B 345 -14.80 11.26 -8.25
C CYS B 345 -13.38 11.64 -7.85
N CYS B 346 -12.38 11.35 -8.69
CA CYS B 346 -11.01 11.63 -8.30
C CYS B 346 -10.27 12.80 -8.92
N GLN B 347 -10.96 13.59 -9.75
CA GLN B 347 -10.28 14.74 -10.34
C GLN B 347 -10.61 16.02 -9.61
N CYS B 348 -9.62 16.88 -9.51
CA CYS B 348 -9.76 18.18 -8.87
C CYS B 348 -9.95 19.12 -10.04
N PRO B 349 -11.02 19.93 -10.03
CA PRO B 349 -11.26 20.87 -11.14
C PRO B 349 -10.05 21.76 -11.43
N ALA B 350 -9.25 22.01 -10.41
CA ALA B 350 -8.06 22.84 -10.54
C ALA B 350 -6.85 22.08 -11.11
N GLY B 351 -6.95 20.76 -11.17
CA GLY B 351 -5.85 19.96 -11.67
C GLY B 351 -5.33 19.04 -10.58
N GLY B 352 -4.94 17.84 -10.95
CA GLY B 352 -4.45 16.87 -9.98
C GLY B 352 -5.56 15.92 -9.59
N LEU B 353 -5.21 14.75 -9.08
CA LEU B 353 -6.23 13.78 -8.68
C LEU B 353 -6.20 13.49 -7.19
N LEU B 354 -7.18 12.75 -6.70
CA LEU B 354 -7.21 12.52 -5.28
C LEU B 354 -7.87 11.25 -4.77
N ASP B 355 -7.76 11.08 -3.45
CA ASP B 355 -8.30 9.95 -2.70
C ASP B 355 -9.77 9.72 -3.11
N LYS B 356 -10.62 10.67 -2.72
CA LYS B 356 -12.06 10.62 -3.01
C LYS B 356 -12.63 12.02 -2.88
N PRO B 357 -13.85 12.27 -3.39
CA PRO B 357 -14.38 13.63 -3.26
C PRO B 357 -14.33 14.16 -1.83
N GLY B 358 -13.88 15.39 -1.67
CA GLY B 358 -13.79 15.95 -0.33
C GLY B 358 -12.34 16.03 0.13
N LYS B 359 -11.52 15.12 -0.37
CA LYS B 359 -10.09 15.09 -0.04
C LYS B 359 -9.31 16.09 -0.91
N SER B 360 -8.12 16.47 -0.46
CA SER B 360 -7.27 17.41 -1.19
C SER B 360 -6.38 16.71 -2.19
N ARG B 361 -6.07 17.40 -3.27
CA ARG B 361 -5.19 16.84 -4.29
C ARG B 361 -3.75 16.82 -3.78
N ASP B 362 -2.95 15.93 -4.36
CA ASP B 362 -1.53 15.81 -4.04
C ASP B 362 -0.89 15.02 -5.18
N PHE B 363 0.41 15.16 -5.35
CA PHE B 363 1.07 14.46 -6.44
C PHE B 363 1.07 12.95 -6.31
N TYR B 364 1.17 12.44 -5.08
CA TYR B 364 1.12 10.99 -4.86
C TYR B 364 -0.16 10.42 -5.48
N HIS B 365 -1.31 10.99 -5.10
CA HIS B 365 -2.58 10.53 -5.64
C HIS B 365 -2.74 10.82 -7.13
N THR B 366 -2.14 11.91 -7.59
CA THR B 366 -2.20 12.24 -9.00
C THR B 366 -1.49 11.11 -9.76
N CYS B 367 -0.32 10.72 -9.26
CA CYS B 367 0.48 9.67 -9.87
C CYS B 367 -0.20 8.29 -9.91
N TYR B 368 -0.75 7.86 -8.79
CA TYR B 368 -1.39 6.56 -8.77
C TYR B 368 -2.81 6.51 -9.30
N CYS B 369 -3.51 7.64 -9.33
CA CYS B 369 -4.85 7.61 -9.91
C CYS B 369 -4.67 7.45 -11.42
N LEU B 370 -3.70 8.17 -11.99
CA LEU B 370 -3.45 8.08 -13.42
C LEU B 370 -2.90 6.70 -13.76
N SER B 371 -1.97 6.21 -12.94
CA SER B 371 -1.39 4.88 -13.16
C SER B 371 -2.52 3.85 -13.18
N GLY B 372 -3.42 3.96 -12.22
CA GLY B 372 -4.53 3.05 -12.12
C GLY B 372 -5.45 3.14 -13.32
N LEU B 373 -5.72 4.36 -13.79
CA LEU B 373 -6.58 4.53 -14.95
C LEU B 373 -5.95 3.83 -16.15
N SER B 374 -4.64 3.99 -16.31
CA SER B 374 -3.89 3.38 -17.41
C SER B 374 -4.09 1.88 -17.42
N ILE B 375 -3.91 1.25 -16.26
CA ILE B 375 -4.10 -0.19 -16.14
C ILE B 375 -5.51 -0.58 -16.58
N ALA B 376 -6.50 0.11 -16.04
CA ALA B 376 -7.90 -0.16 -16.33
C ALA B 376 -8.29 -0.04 -17.80
N GLN B 377 -7.55 0.74 -18.57
CA GLN B 377 -7.89 0.87 -19.98
C GLN B 377 -6.94 0.15 -20.94
N HIS B 378 -5.97 -0.60 -20.41
CA HIS B 378 -5.03 -1.31 -21.27
C HIS B 378 -4.80 -2.77 -20.91
N PHE B 379 -5.25 -3.68 -21.78
CA PHE B 379 -5.07 -5.12 -21.59
C PHE B 379 -4.06 -5.66 -22.59
N GLY B 380 -3.25 -6.61 -22.14
CA GLY B 380 -2.26 -7.22 -23.00
C GLY B 380 -1.79 -8.53 -22.40
N SER B 381 -2.03 -9.63 -23.11
CA SER B 381 -1.62 -10.95 -22.67
C SER B 381 -0.95 -11.64 -23.84
N GLY B 382 0.30 -11.26 -24.11
CA GLY B 382 1.04 -11.84 -25.21
C GLY B 382 0.74 -11.10 -26.51
N ALA B 383 0.04 -11.78 -27.42
CA ALA B 383 -0.32 -11.21 -28.71
C ALA B 383 -1.63 -10.43 -28.65
N MET B 384 -2.50 -10.80 -27.71
CA MET B 384 -3.77 -10.10 -27.55
C MET B 384 -3.55 -8.73 -26.96
N LEU B 385 -4.38 -7.79 -27.39
CA LEU B 385 -4.34 -6.41 -26.94
C LEU B 385 -5.74 -5.83 -27.08
N HIS B 386 -6.33 -5.43 -25.97
CA HIS B 386 -7.67 -4.86 -25.99
C HIS B 386 -7.78 -3.68 -25.03
N ASP B 387 -8.34 -2.58 -25.51
CA ASP B 387 -8.49 -1.39 -24.70
C ASP B 387 -9.94 -1.10 -24.33
N VAL B 388 -10.11 -0.26 -23.31
CA VAL B 388 -11.43 0.15 -22.83
C VAL B 388 -11.25 1.58 -22.34
N VAL B 389 -11.72 2.55 -23.11
CA VAL B 389 -11.59 3.94 -22.71
C VAL B 389 -12.94 4.58 -22.47
N MET B 390 -13.27 4.78 -21.20
CA MET B 390 -14.54 5.38 -20.82
C MET B 390 -14.49 6.87 -21.09
N GLY B 391 -15.63 7.45 -21.43
CA GLY B 391 -15.68 8.88 -21.73
C GLY B 391 -15.09 9.18 -23.09
N VAL B 392 -14.65 10.43 -23.28
CA VAL B 392 -14.06 10.85 -24.54
C VAL B 392 -12.76 10.07 -24.85
N PRO B 393 -12.51 9.81 -26.14
CA PRO B 393 -11.31 9.08 -26.58
C PRO B 393 -9.98 9.71 -26.21
N GLU B 394 -10.00 11.01 -25.95
CA GLU B 394 -8.77 11.72 -25.58
C GLU B 394 -8.32 11.31 -24.18
N ASN B 395 -9.20 10.63 -23.46
CA ASN B 395 -8.91 10.18 -22.10
C ASN B 395 -7.82 9.12 -22.07
N VAL B 396 -7.71 8.32 -23.13
CA VAL B 396 -6.70 7.26 -23.18
C VAL B 396 -5.30 7.75 -22.83
N LEU B 397 -4.66 7.07 -21.89
CA LEU B 397 -3.33 7.41 -21.42
C LEU B 397 -2.28 6.46 -21.98
N GLN B 398 -1.01 6.76 -21.74
CA GLN B 398 0.08 5.91 -22.18
C GLN B 398 0.08 4.66 -21.30
N PRO B 399 0.51 3.51 -21.83
CA PRO B 399 0.51 2.31 -20.98
C PRO B 399 1.59 2.35 -19.90
N THR B 400 1.38 1.62 -18.81
CA THR B 400 2.36 1.57 -17.73
C THR B 400 2.71 0.11 -17.40
N HIS B 401 3.97 -0.15 -17.11
CA HIS B 401 4.40 -1.51 -16.77
C HIS B 401 3.86 -1.87 -15.38
N PRO B 402 3.12 -2.99 -15.28
CA PRO B 402 2.58 -3.39 -13.98
C PRO B 402 3.54 -3.71 -12.83
N VAL B 403 4.83 -3.89 -13.13
CA VAL B 403 5.80 -4.20 -12.08
C VAL B 403 6.56 -2.98 -11.56
N TYR B 404 7.02 -2.12 -12.46
CA TYR B 404 7.79 -0.95 -12.06
C TYR B 404 6.99 0.35 -12.03
N ASN B 405 5.88 0.35 -12.76
CA ASN B 405 5.01 1.52 -12.86
C ASN B 405 5.72 2.70 -13.50
N ILE B 406 6.36 2.41 -14.63
CA ILE B 406 6.99 3.40 -15.49
C ILE B 406 6.67 2.80 -16.86
N GLY B 407 6.87 3.57 -17.93
CA GLY B 407 6.55 3.08 -19.25
C GLY B 407 7.22 1.76 -19.63
N PRO B 408 6.49 0.82 -20.22
CA PRO B 408 7.03 -0.48 -20.64
C PRO B 408 8.28 -0.29 -21.48
N ASP B 409 8.31 0.80 -22.24
CA ASP B 409 9.44 1.11 -23.10
C ASP B 409 10.64 1.58 -22.28
N LYS B 410 10.38 2.25 -21.17
CA LYS B 410 11.47 2.71 -20.32
C LYS B 410 12.09 1.50 -19.65
N VAL B 411 11.23 0.55 -19.26
CA VAL B 411 11.68 -0.68 -18.62
C VAL B 411 12.65 -1.41 -19.54
N ILE B 412 12.17 -1.72 -20.75
CA ILE B 412 12.96 -2.42 -21.75
C ILE B 412 14.26 -1.67 -22.07
N GLN B 413 14.15 -0.36 -22.25
CA GLN B 413 15.30 0.46 -22.58
C GLN B 413 16.36 0.46 -21.48
N ALA B 414 15.93 0.65 -20.24
CA ALA B 414 16.88 0.67 -19.13
C ALA B 414 17.54 -0.70 -18.90
N THR B 415 16.74 -1.77 -18.92
CA THR B 415 17.31 -3.10 -18.69
C THR B 415 18.32 -3.45 -19.79
N THR B 416 17.97 -3.13 -21.03
CA THR B 416 18.85 -3.41 -22.15
C THR B 416 20.15 -2.63 -21.99
N HIS B 417 20.04 -1.40 -21.51
CA HIS B 417 21.23 -0.57 -21.30
C HIS B 417 22.14 -1.08 -20.19
N PHE B 418 21.57 -1.46 -19.05
CA PHE B 418 22.37 -1.94 -17.93
C PHE B 418 22.92 -3.35 -18.09
N LEU B 419 22.43 -4.08 -19.08
CA LEU B 419 22.95 -5.42 -19.33
C LEU B 419 24.27 -5.32 -20.10
N GLN B 420 24.58 -4.12 -20.59
CA GLN B 420 25.82 -3.92 -21.33
C GLN B 420 27.00 -3.96 -20.37
N LYS B 421 26.72 -3.72 -19.10
CA LYS B 421 27.77 -3.76 -18.07
C LYS B 421 27.57 -5.02 -17.25
N PRO B 422 28.65 -5.55 -16.66
CA PRO B 422 28.50 -6.76 -15.86
C PRO B 422 28.02 -6.45 -14.45
N VAL B 423 27.51 -7.46 -13.77
CA VAL B 423 27.05 -7.31 -12.40
C VAL B 423 28.31 -7.01 -11.60
N PRO B 424 28.28 -5.99 -10.73
CA PRO B 424 29.47 -5.67 -9.94
C PRO B 424 30.10 -6.87 -9.26
N GLY B 425 31.33 -7.18 -9.64
CA GLY B 425 32.02 -8.32 -9.07
C GLY B 425 31.41 -9.64 -9.52
#